data_6O07
#
_entry.id   6O07
#
_cell.length_a   84.437
_cell.length_b   125.726
_cell.length_c   145.924
_cell.angle_alpha   90.00
_cell.angle_beta   90.00
_cell.angle_gamma   90.00
#
_symmetry.space_group_name_H-M   'P 21 21 21'
#
loop_
_entity.id
_entity.type
_entity.pdbx_description
1 polymer 'N-terminal acetyltransferase A complex subunit NAT5'
2 polymer Naa15
3 polymer 'N-terminal acetyltransferase A complex catalytic subunit ARD1'
4 non-polymer 'CHLORIDE ION'
5 non-polymer GLYCEROL
6 non-polymer 'ACETYL COENZYME *A'
7 non-polymer 'MALONATE ION'
8 non-polymer 'INOSITOL HEXAKISPHOSPHATE'
9 non-polymer '4-(2-HYDROXYETHYL)-1-PIPERAZINE ETHANESULFONIC ACID'
10 water water
#
loop_
_entity_poly.entity_id
_entity_poly.type
_entity_poly.pdbx_seq_one_letter_code
_entity_poly.pdbx_strand_id
1 'polypeptide(L)'
;MGRDICTLDNVYANNLGMLTKLAHVTVPNLYQDAFFSALFAEDSLVAKNKKPSSKKDVHFTQMAYYSEIPVGGLVAKLVP
KKQNELSLKGIQIEFLGVLPNYRHKSIGSKLLKFAEDKCSECHQHNVFVYLPAVDDLTKQWFIAHGFEQVGETVNNFIKG
VNGDEQDAILLKKHIS
;
C
2 'polypeptide(L)'
;MSRKRSTKPKPAAKIALKKENDQFLEALKLYEGKQYKKSLKLLDAILKKDGSHVDSLALKGLDLYSVGEKDDAASYVANA
IRKIEGASASPICCHVLGIYMRNTKEYKESIKWFTAALNNGSTNKQIYRDLATLQSQIGDFKSALVSRKKYWEAFLGYRA
NWTSLAVAQDVNGERQQAINTLSQFEKLAEGKISDSEKYEHSECLMYKNDVMYKAASDNQDKLQNVLKHLNDIEPCVFDK
FGLLERKATIYMKLGQLKDASIVYRTLIKRNPDNFKYYKLLEVSLGIQGDNKLKKALYGKLEQFYPRCEPPKFIPLTFLQ
DKEELSKKLREYVLPQLKRGVPATFSNVKPLYQRRKSKVSPLLEKIVLDYLSGLDPTQDPIPFIWTNYYLSQHFLFLKDF
PKAQEYIDAALDHTPTLVEFYILKARILKHLGLMDTAAGILEEGRQLDLQDRFINCKTVKYFLRANNIDKAVEVASLFTK
NDDSVNGIKDLHLVEASWFIVEQAEAYYRLYLDRKKKLDDLESLKKEVESDKSEQIANDIKENQWLVRKYKGLALKRFNA
IPKFYKQFEDDQLDFHSYCMRKGTPRAYLEMLEWGKALYTKPMYVRAMKEASKLYFQMHDDRLKRKSDSLDENSDEIQNN
GQNSSSQKKKAKKEAAAMNKRKETEAKSVAAYPSDQDNDVFGEKLIETSTPMEDFATEFYNNYSMQVREDERDYILDFEF
NYRIGKLALCFASLNKFAKRFGTTSGLFGSMAIVLLHATRNDTPFDPILKKVVTKSLEKEYSENFPLNEISNNSFDWLNF
YQEKFGKNDINGLLFLYRYRDDVPIGSSNLKEMIISSLSPLEPHSQNEILQYYL
;
A
3 'polypeptide(L)'
;MPINIRRATINDIICMQNANLHNLPENYMMKYYMYHILSWPEASFVATTTTLDCEDSDEQDENDKLELTLDGTNDGRTIK
LDPTYLAPGEKLVGYVLVKMNDDPDQQNEPPNGHITSLSVMRTYRRMGIAENLMRQALFALREVHQAEYVSLHVRQSNRA
ALHLYRDTLAFEVLSIEKSYYQDGEDAYAMKKVLKLEELQISNFTHRRLKENEEKLEDDLESDLLEDIIKQGVNDIIV
;
B
#
# COMPACT_ATOMS: atom_id res chain seq x y z
N ILE A 5 20.09 -11.46 -26.40
CA ILE A 5 19.78 -10.26 -27.18
C ILE A 5 18.99 -10.67 -28.43
N CYS A 6 17.98 -9.87 -28.76
CA CYS A 6 17.13 -10.08 -29.93
C CYS A 6 16.55 -11.51 -29.95
N THR A 7 15.62 -11.73 -29.04
CA THR A 7 14.91 -12.99 -28.86
C THR A 7 13.52 -12.89 -29.52
N LEU A 8 12.88 -14.04 -29.72
CA LEU A 8 11.54 -14.07 -30.31
C LEU A 8 10.67 -15.08 -29.59
N ASP A 9 9.51 -14.62 -29.13
CA ASP A 9 8.48 -15.47 -28.52
C ASP A 9 7.16 -15.28 -29.27
N ASN A 10 6.08 -15.82 -28.70
CA ASN A 10 4.76 -15.80 -29.31
C ASN A 10 3.90 -14.68 -28.72
N VAL A 11 2.69 -14.53 -29.26
CA VAL A 11 1.79 -13.45 -28.85
C VAL A 11 0.90 -13.87 -27.69
N TYR A 12 0.21 -15.00 -27.82
CA TYR A 12 -0.57 -15.61 -26.74
C TYR A 12 -1.82 -14.82 -26.38
N ALA A 13 -2.36 -13.99 -27.28
CA ALA A 13 -3.63 -13.29 -27.06
C ALA A 13 -3.92 -12.80 -25.65
N ASN A 14 -2.88 -12.67 -24.83
CA ASN A 14 -2.81 -11.84 -23.63
C ASN A 14 -2.10 -10.51 -23.92
N ASN A 15 -1.01 -10.53 -24.68
CA ASN A 15 -0.34 -9.30 -25.10
C ASN A 15 -0.57 -9.00 -26.59
N LEU A 16 -1.74 -9.38 -27.12
CA LEU A 16 -2.05 -9.07 -28.51
C LEU A 16 -1.98 -7.57 -28.77
N GLY A 17 -2.31 -6.76 -27.78
CA GLY A 17 -2.16 -5.32 -27.91
C GLY A 17 -0.73 -4.91 -28.22
N MET A 18 0.26 -5.67 -27.71
CA MET A 18 1.63 -5.45 -28.15
C MET A 18 1.71 -5.48 -29.67
N LEU A 19 1.36 -6.62 -30.27
CA LEU A 19 1.40 -6.75 -31.72
C LEU A 19 0.61 -5.65 -32.42
N THR A 20 -0.66 -5.46 -32.03
CA THR A 20 -1.48 -4.42 -32.63
C THR A 20 -0.81 -3.06 -32.54
N LYS A 21 -0.04 -2.81 -31.49
CA LYS A 21 0.69 -1.56 -31.39
C LYS A 21 1.81 -1.47 -32.42
N LEU A 22 2.58 -2.56 -32.59
CA LEU A 22 3.68 -2.50 -33.56
C LEU A 22 3.16 -2.47 -35.00
N ALA A 23 1.99 -3.06 -35.25
CA ALA A 23 1.41 -2.95 -36.59
C ALA A 23 0.78 -1.59 -36.81
N HIS A 24 0.14 -1.03 -35.77
CA HIS A 24 -0.42 0.31 -35.89
C HIS A 24 0.64 1.39 -35.82
N VAL A 25 1.85 1.07 -35.38
CA VAL A 25 2.91 2.07 -35.32
C VAL A 25 3.58 2.22 -36.68
N THR A 26 4.15 1.13 -37.19
CA THR A 26 4.86 1.15 -38.47
C THR A 26 3.88 0.80 -39.59
N VAL A 27 3.59 1.79 -40.43
CA VAL A 27 2.67 1.60 -41.59
C VAL A 27 1.30 1.14 -41.07
N PRO A 28 0.47 2.04 -40.48
CA PRO A 28 -0.81 1.68 -39.88
C PRO A 28 -2.21 1.97 -40.46
N ASN A 29 -2.33 2.55 -41.65
CA ASN A 29 -3.63 3.09 -42.10
C ASN A 29 -4.49 1.88 -42.47
N LEU A 30 -3.86 0.99 -43.24
CA LEU A 30 -4.35 -0.30 -43.71
C LEU A 30 -4.65 -1.24 -42.56
N TYR A 31 -3.77 -1.27 -41.55
CA TYR A 31 -3.91 -2.18 -40.42
C TYR A 31 -5.24 -2.00 -39.72
N GLN A 32 -6.24 -2.79 -40.11
CA GLN A 32 -7.55 -2.72 -39.49
C GLN A 32 -7.49 -3.15 -38.03
N ASP A 33 -8.45 -2.69 -37.24
CA ASP A 33 -8.51 -3.02 -35.83
C ASP A 33 -9.37 -4.25 -35.54
N ALA A 34 -10.25 -4.64 -36.46
CA ALA A 34 -10.89 -5.95 -36.37
C ALA A 34 -9.98 -7.06 -36.86
N PHE A 35 -8.84 -6.72 -37.47
CA PHE A 35 -7.90 -7.72 -37.95
C PHE A 35 -7.36 -8.57 -36.80
N PHE A 36 -6.61 -7.94 -35.88
CA PHE A 36 -6.00 -8.68 -34.79
C PHE A 36 -7.03 -9.13 -33.75
N SER A 37 -8.26 -8.62 -33.79
CA SER A 37 -9.33 -9.06 -32.90
C SER A 37 -10.07 -10.28 -33.43
N ALA A 38 -9.34 -11.27 -33.94
CA ALA A 38 -9.93 -12.48 -34.47
C ALA A 38 -8.95 -13.57 -34.05
N LEU A 39 -7.66 -13.27 -34.13
CA LEU A 39 -6.59 -14.26 -34.14
C LEU A 39 -6.73 -15.25 -32.99
N PHE A 40 -7.38 -14.84 -31.91
CA PHE A 40 -7.56 -15.72 -30.76
C PHE A 40 -9.02 -15.72 -30.30
N PHE A 60 -0.17 -17.46 -37.99
CA PHE A 60 1.09 -17.68 -37.27
C PHE A 60 1.64 -16.35 -36.77
N THR A 61 1.69 -16.18 -35.46
CA THR A 61 2.12 -14.93 -34.83
C THR A 61 3.45 -15.13 -34.11
N GLN A 62 4.27 -14.09 -34.13
CA GLN A 62 5.58 -14.13 -33.50
C GLN A 62 6.11 -12.70 -33.38
N MET A 63 6.71 -12.39 -32.23
CA MET A 63 7.21 -11.05 -31.95
C MET A 63 8.68 -11.13 -31.54
N ALA A 64 9.43 -10.11 -31.93
CA ALA A 64 10.86 -10.03 -31.65
C ALA A 64 11.10 -9.14 -30.43
N TYR A 65 11.83 -9.66 -29.46
CA TYR A 65 12.13 -8.95 -28.22
C TYR A 65 13.58 -8.50 -28.21
N TYR A 66 13.82 -7.31 -27.65
CA TYR A 66 15.15 -6.75 -27.48
C TYR A 66 15.31 -6.45 -26.00
N SER A 67 15.73 -7.47 -25.23
CA SER A 67 15.90 -7.34 -23.79
C SER A 67 14.66 -6.72 -23.14
N GLU A 68 13.57 -7.50 -23.22
CA GLU A 68 12.25 -7.22 -22.66
C GLU A 68 11.49 -6.17 -23.47
N ILE A 69 12.11 -5.59 -24.49
CA ILE A 69 11.50 -4.53 -25.30
C ILE A 69 10.96 -5.17 -26.57
N PRO A 70 9.64 -5.28 -26.74
CA PRO A 70 9.10 -5.72 -28.03
C PRO A 70 9.47 -4.71 -29.12
N VAL A 71 9.98 -5.23 -30.23
CA VAL A 71 10.63 -4.39 -31.22
C VAL A 71 10.13 -4.72 -32.62
N GLY A 72 9.80 -5.98 -32.87
CA GLY A 72 9.35 -6.41 -34.17
C GLY A 72 8.21 -7.41 -34.06
N GLY A 73 7.36 -7.42 -35.09
CA GLY A 73 6.21 -8.29 -35.12
C GLY A 73 6.07 -8.99 -36.47
N LEU A 74 5.25 -10.04 -36.47
CA LEU A 74 5.07 -10.86 -37.67
C LEU A 74 3.73 -11.58 -37.58
N VAL A 75 2.89 -11.41 -38.60
CA VAL A 75 1.61 -12.11 -38.71
C VAL A 75 1.57 -12.78 -40.07
N ALA A 76 1.29 -14.08 -40.08
CA ALA A 76 1.32 -14.87 -41.31
C ALA A 76 0.01 -15.64 -41.46
N LYS A 77 -0.25 -16.06 -42.71
CA LYS A 77 -1.48 -16.77 -43.06
C LYS A 77 -1.16 -17.88 -44.04
N LEU A 78 -1.82 -19.03 -43.88
CA LEU A 78 -1.65 -20.15 -44.79
C LEU A 78 -2.82 -21.12 -44.67
N GLN A 92 1.54 -17.06 -46.04
CA GLN A 92 1.70 -15.72 -46.60
C GLN A 92 2.11 -14.71 -45.52
N ILE A 93 3.02 -13.81 -45.86
CA ILE A 93 3.47 -12.77 -44.94
C ILE A 93 2.42 -11.67 -44.92
N GLU A 94 1.56 -11.68 -43.90
CA GLU A 94 0.49 -10.70 -43.79
C GLU A 94 0.95 -9.41 -43.12
N PHE A 95 2.07 -9.44 -42.39
CA PHE A 95 2.63 -8.26 -41.75
C PHE A 95 4.00 -8.60 -41.20
N LEU A 96 4.95 -7.68 -41.38
CA LEU A 96 6.29 -7.83 -40.81
C LEU A 96 6.83 -6.44 -40.55
N GLY A 97 6.92 -6.06 -39.27
CA GLY A 97 7.39 -4.74 -38.91
C GLY A 97 8.38 -4.81 -37.76
N VAL A 98 9.25 -3.81 -37.70
CA VAL A 98 10.27 -3.67 -36.66
C VAL A 98 10.40 -2.20 -36.31
N LEU A 99 10.68 -1.93 -35.02
CA LEU A 99 10.76 -0.55 -34.55
C LEU A 99 11.94 0.17 -35.21
N PRO A 100 11.74 1.38 -35.72
CA PRO A 100 12.80 2.02 -36.53
C PRO A 100 14.12 2.23 -35.81
N ASN A 101 14.10 2.38 -34.49
CA ASN A 101 15.34 2.57 -33.74
C ASN A 101 16.02 1.27 -33.37
N TYR A 102 15.46 0.12 -33.77
CA TYR A 102 16.10 -1.17 -33.57
C TYR A 102 16.18 -1.96 -34.86
N ARG A 103 16.00 -1.31 -36.00
CA ARG A 103 16.20 -1.96 -37.28
C ARG A 103 17.70 -2.06 -37.58
N HIS A 104 18.01 -2.76 -38.67
CA HIS A 104 19.37 -2.92 -39.19
C HIS A 104 20.32 -3.60 -38.21
N LYS A 105 19.81 -4.09 -37.08
CA LYS A 105 20.63 -4.80 -36.12
C LYS A 105 20.29 -6.27 -36.38
N SER A 106 20.02 -6.60 -37.65
CA SER A 106 19.70 -7.95 -38.13
C SER A 106 18.32 -8.42 -37.67
N ILE A 107 17.45 -7.52 -37.20
CA ILE A 107 16.31 -7.94 -36.37
C ILE A 107 15.09 -8.29 -37.22
N GLY A 108 14.73 -7.43 -38.17
CA GLY A 108 13.60 -7.76 -39.05
C GLY A 108 13.81 -9.07 -39.79
N SER A 109 15.01 -9.27 -40.34
CA SER A 109 15.28 -10.49 -41.10
C SER A 109 15.19 -11.73 -40.23
N LYS A 110 15.49 -11.60 -38.92
CA LYS A 110 15.29 -12.73 -38.02
C LYS A 110 13.84 -13.19 -38.04
N LEU A 111 12.90 -12.24 -38.06
CA LEU A 111 11.49 -12.60 -38.21
C LEU A 111 11.23 -13.24 -39.56
N LEU A 112 11.98 -12.85 -40.59
CA LEU A 112 11.80 -13.46 -41.90
C LEU A 112 12.15 -14.94 -41.89
N LYS A 113 13.23 -15.31 -41.20
CA LYS A 113 13.63 -16.71 -41.14
C LYS A 113 12.59 -17.56 -40.43
N PHE A 114 11.95 -17.00 -39.40
CA PHE A 114 10.89 -17.73 -38.69
C PHE A 114 9.74 -18.06 -39.64
N ALA A 115 9.45 -17.19 -40.61
CA ALA A 115 8.38 -17.45 -41.55
C ALA A 115 8.77 -18.55 -42.54
N GLU A 116 10.04 -18.55 -42.98
CA GLU A 116 10.49 -19.56 -43.92
C GLU A 116 10.39 -20.96 -43.32
N ASP A 117 10.93 -21.14 -42.10
CA ASP A 117 10.84 -22.42 -41.42
C ASP A 117 9.38 -22.84 -41.24
N LYS A 118 8.52 -21.90 -40.86
CA LYS A 118 7.09 -22.19 -40.75
C LYS A 118 6.55 -22.79 -42.04
N CYS A 119 6.97 -22.22 -43.17
CA CYS A 119 6.51 -22.77 -44.48
C CYS A 119 7.10 -24.17 -44.62
N SER A 120 8.41 -24.27 -44.41
CA SER A 120 9.07 -25.56 -44.63
C SER A 120 8.41 -26.66 -43.81
N GLU A 121 7.76 -26.31 -42.70
CA GLU A 121 7.18 -27.28 -41.80
C GLU A 121 5.67 -27.40 -41.95
N CYS A 122 5.07 -26.81 -42.98
CA CYS A 122 3.67 -27.04 -43.28
C CYS A 122 3.50 -27.64 -44.67
N HIS A 123 4.49 -28.43 -45.08
CA HIS A 123 4.46 -29.18 -46.36
C HIS A 123 3.92 -28.32 -47.51
N GLN A 124 4.44 -27.10 -47.61
CA GLN A 124 4.16 -26.21 -48.73
C GLN A 124 5.42 -25.42 -49.04
N HIS A 125 5.46 -24.86 -50.26
CA HIS A 125 6.63 -24.14 -50.73
C HIS A 125 6.25 -22.77 -51.29
N ASN A 126 5.21 -22.14 -50.76
CA ASN A 126 4.75 -20.86 -51.27
C ASN A 126 4.60 -19.89 -50.10
N VAL A 127 5.51 -18.92 -50.04
CA VAL A 127 5.41 -17.82 -49.08
C VAL A 127 5.31 -16.53 -49.90
N PHE A 128 4.22 -15.79 -49.71
CA PHE A 128 3.93 -14.60 -50.49
C PHE A 128 3.48 -13.48 -49.56
N VAL A 129 3.40 -12.27 -50.12
CA VAL A 129 3.05 -11.09 -49.34
C VAL A 129 2.56 -10.02 -50.30
N TYR A 130 1.56 -9.26 -49.86
CA TYR A 130 1.05 -8.13 -50.61
C TYR A 130 1.58 -6.84 -49.99
N LEU A 131 2.09 -5.95 -50.84
CA LEU A 131 2.77 -4.73 -50.46
C LEU A 131 2.17 -3.56 -51.23
N PRO A 132 2.16 -2.36 -50.64
CA PRO A 132 1.69 -1.19 -51.39
C PRO A 132 2.66 -0.82 -52.51
N ALA A 133 2.11 -0.21 -53.56
CA ALA A 133 2.90 0.10 -54.74
C ALA A 133 3.90 1.23 -54.49
N VAL A 134 3.59 2.14 -53.57
CA VAL A 134 4.51 3.22 -53.23
C VAL A 134 5.61 2.77 -52.29
N ASP A 135 5.56 1.53 -51.81
CA ASP A 135 6.55 1.01 -50.85
C ASP A 135 7.71 0.42 -51.63
N ASP A 136 8.67 1.27 -51.98
CA ASP A 136 9.82 0.84 -52.77
C ASP A 136 11.03 0.50 -51.90
N LEU A 137 11.21 1.23 -50.79
CA LEU A 137 12.37 0.98 -49.94
C LEU A 137 12.23 -0.33 -49.18
N THR A 138 11.03 -0.62 -48.68
CA THR A 138 10.71 -1.96 -48.18
C THR A 138 10.50 -2.94 -49.33
N LYS A 139 11.27 -2.82 -50.39
CA LYS A 139 11.25 -3.77 -51.49
C LYS A 139 12.68 -4.12 -51.90
N GLN A 140 13.41 -3.14 -52.45
CA GLN A 140 14.76 -3.40 -52.96
C GLN A 140 15.60 -4.15 -51.93
N TRP A 141 15.76 -3.58 -50.74
CA TRP A 141 16.45 -4.31 -49.68
C TRP A 141 15.57 -5.43 -49.12
N PHE A 142 14.25 -5.25 -49.13
CA PHE A 142 13.36 -6.29 -48.62
C PHE A 142 13.29 -7.49 -49.57
N ILE A 143 13.61 -7.30 -50.85
CA ILE A 143 13.60 -8.39 -51.81
C ILE A 143 15.01 -8.98 -51.89
N ALA A 144 15.86 -8.63 -50.93
CA ALA A 144 17.16 -9.28 -50.84
C ALA A 144 16.99 -10.78 -50.69
N HIS A 145 16.02 -11.21 -49.88
CA HIS A 145 15.59 -12.59 -49.89
C HIS A 145 14.85 -12.90 -51.18
N GLY A 146 15.01 -14.13 -51.67
CA GLY A 146 14.44 -14.51 -52.96
C GLY A 146 13.05 -14.10 -52.53
N PHE A 147 12.44 -13.17 -53.26
CA PHE A 147 11.01 -12.87 -53.34
C PHE A 147 10.74 -12.19 -54.69
N GLU A 148 10.38 -12.99 -55.69
CA GLU A 148 10.16 -12.48 -57.05
C GLU A 148 8.79 -11.83 -57.17
N GLN A 149 8.65 -10.98 -58.18
CA GLN A 149 7.43 -10.24 -58.44
C GLN A 149 6.45 -11.06 -59.28
N VAL A 150 5.16 -10.78 -59.11
CA VAL A 150 4.13 -11.45 -59.89
C VAL A 150 4.19 -10.07 -60.52
N GLY A 151 3.78 -9.92 -61.77
CA GLY A 151 3.74 -8.61 -62.39
C GLY A 151 3.60 -7.19 -62.90
N GLU A 152 2.64 -6.45 -62.34
CA GLU A 152 2.54 -5.01 -62.18
C GLU A 152 1.67 -4.69 -60.96
N THR A 153 1.18 -3.46 -60.90
CA THR A 153 0.32 -3.04 -59.81
C THR A 153 -1.01 -3.80 -59.87
N VAL A 154 -1.70 -3.85 -58.73
CA VAL A 154 -2.92 -4.64 -58.58
C VAL A 154 -3.34 -3.20 -58.33
N ASN A 155 -4.65 -2.98 -58.30
CA ASN A 155 -5.29 -1.66 -58.04
C ASN A 155 -6.38 -1.87 -57.00
N ASN A 156 -6.27 -1.20 -55.86
CA ASN A 156 -7.26 -1.31 -54.75
C ASN A 156 -7.39 -2.77 -54.29
N PHE A 157 -6.35 -3.29 -53.64
CA PHE A 157 -6.35 -4.66 -53.08
C PHE A 157 -7.23 -4.62 -51.83
N ILE A 158 -6.89 -3.68 -50.94
CA ILE A 158 -7.58 -3.31 -49.68
C ILE A 158 -7.62 -1.81 -49.40
N LYS A 159 -8.72 -1.40 -48.76
CA LYS A 159 -9.02 -0.06 -48.20
C LYS A 159 -8.37 0.01 -46.82
N GLY A 160 -7.78 1.16 -46.46
CA GLY A 160 -7.11 1.30 -45.19
C GLY A 160 -8.02 1.65 -44.02
N VAL A 161 -7.68 2.72 -43.32
CA VAL A 161 -8.49 3.20 -42.20
C VAL A 161 -9.50 4.23 -42.68
N ASN A 162 -9.05 5.18 -43.50
CA ASN A 162 -9.96 6.17 -44.05
C ASN A 162 -11.02 5.52 -44.93
N GLY A 163 -10.59 4.67 -45.85
CA GLY A 163 -11.52 3.96 -46.71
C GLY A 163 -11.26 4.16 -48.20
N ASP A 164 -10.09 4.71 -48.53
CA ASP A 164 -9.73 4.97 -49.91
C ASP A 164 -8.95 3.79 -50.48
N GLU A 165 -8.86 3.75 -51.81
CA GLU A 165 -8.20 2.67 -52.52
C GLU A 165 -6.68 2.82 -52.42
N GLN A 166 -5.99 1.68 -52.49
CA GLN A 166 -4.56 1.62 -52.18
C GLN A 166 -3.88 0.61 -53.10
N ASP A 167 -3.19 1.11 -54.13
CA ASP A 167 -2.50 0.25 -55.08
C ASP A 167 -1.56 -0.71 -54.36
N ALA A 168 -1.45 -1.93 -54.87
CA ALA A 168 -0.73 -3.00 -54.20
C ALA A 168 0.23 -3.70 -55.16
N ILE A 169 1.20 -4.40 -54.57
CA ILE A 169 2.22 -5.13 -55.33
C ILE A 169 2.43 -6.49 -54.67
N LEU A 170 2.50 -7.55 -55.48
CA LEU A 170 2.62 -8.92 -54.99
C LEU A 170 3.99 -9.49 -55.36
N LEU A 171 4.72 -9.95 -54.35
CA LEU A 171 5.98 -10.69 -54.53
C LEU A 171 5.91 -11.97 -53.71
N LYS A 172 6.65 -12.98 -54.16
CA LYS A 172 6.54 -14.32 -53.57
C LYS A 172 7.86 -15.06 -53.66
N LYS A 173 8.00 -16.07 -52.80
CA LYS A 173 9.19 -16.92 -52.73
C LYS A 173 8.83 -18.40 -52.85
N HIS A 174 9.77 -19.28 -52.54
CA HIS A 174 9.53 -20.71 -52.59
C HIS A 174 10.41 -21.42 -51.57
N ILE A 175 9.87 -22.46 -50.95
CA ILE A 175 10.62 -23.26 -49.98
C ILE A 175 11.39 -24.36 -50.69
N VAL B 54 -35.04 -24.59 30.22
CA VAL B 54 -34.63 -23.40 29.49
C VAL B 54 -33.38 -23.69 28.68
N ASP B 55 -32.61 -24.72 29.09
CA ASP B 55 -31.41 -25.10 28.37
C ASP B 55 -31.72 -25.64 26.97
N SER B 56 -32.99 -25.88 26.65
CA SER B 56 -33.36 -26.34 25.32
C SER B 56 -33.49 -25.17 24.35
N LEU B 57 -33.95 -24.03 24.86
CA LEU B 57 -34.13 -22.84 24.01
C LEU B 57 -32.75 -22.22 23.73
N ALA B 58 -31.77 -22.52 24.57
CA ALA B 58 -30.44 -21.94 24.42
C ALA B 58 -29.63 -22.69 23.36
N LEU B 59 -29.43 -24.00 23.55
CA LEU B 59 -28.53 -24.76 22.68
C LEU B 59 -29.06 -24.82 21.27
N LYS B 60 -30.39 -24.79 21.12
CA LYS B 60 -30.97 -24.75 19.79
C LYS B 60 -30.39 -23.61 18.97
N GLY B 61 -30.41 -22.40 19.52
CA GLY B 61 -29.79 -21.26 18.85
C GLY B 61 -28.36 -21.54 18.43
N LEU B 62 -27.58 -22.15 19.32
CA LEU B 62 -26.21 -22.53 18.98
C LEU B 62 -26.19 -23.48 17.79
N ASP B 63 -26.82 -24.65 17.93
CA ASP B 63 -26.98 -25.57 16.80
C ASP B 63 -27.57 -24.84 15.62
N LEU B 64 -28.61 -24.05 15.87
CA LEU B 64 -29.20 -23.23 14.81
C LEU B 64 -28.16 -22.30 14.21
N TYR B 65 -27.43 -21.56 15.06
CA TYR B 65 -26.43 -20.62 14.55
C TYR B 65 -25.39 -21.33 13.69
N SER B 66 -24.95 -22.51 14.14
CA SER B 66 -23.82 -23.17 13.50
C SER B 66 -24.11 -23.55 12.05
N VAL B 67 -25.37 -23.80 11.69
CA VAL B 67 -25.65 -24.19 10.32
C VAL B 67 -25.56 -22.99 9.38
N GLY B 68 -26.11 -21.84 9.80
CA GLY B 68 -26.07 -20.66 8.95
C GLY B 68 -27.28 -19.74 9.10
N GLU B 69 -28.35 -20.26 9.69
CA GLU B 69 -29.58 -19.50 9.89
C GLU B 69 -29.40 -18.56 11.08
N LYS B 70 -28.74 -17.42 10.83
CA LYS B 70 -28.49 -16.50 11.93
C LYS B 70 -29.78 -15.93 12.52
N ASP B 71 -30.83 -15.82 11.70
CA ASP B 71 -32.07 -15.16 12.10
C ASP B 71 -32.70 -15.79 13.33
N ASP B 72 -33.16 -17.03 13.21
CA ASP B 72 -33.79 -17.68 14.36
C ASP B 72 -32.77 -18.12 15.41
N ALA B 73 -31.49 -18.16 15.05
CA ALA B 73 -30.44 -18.48 16.03
C ALA B 73 -30.43 -17.48 17.17
N ALA B 74 -30.34 -16.19 16.83
CA ALA B 74 -30.44 -15.14 17.84
C ALA B 74 -31.86 -15.03 18.40
N SER B 75 -32.87 -15.35 17.58
CA SER B 75 -34.25 -15.26 18.04
C SER B 75 -34.53 -16.28 19.13
N TYR B 76 -34.03 -17.51 18.96
CA TYR B 76 -34.14 -18.53 19.99
C TYR B 76 -33.45 -18.12 21.28
N VAL B 77 -32.18 -17.72 21.17
CA VAL B 77 -31.35 -17.43 22.34
C VAL B 77 -31.95 -16.28 23.15
N ALA B 78 -32.56 -15.30 22.49
CA ALA B 78 -33.13 -14.15 23.19
C ALA B 78 -34.33 -14.51 24.06
N ASN B 79 -34.96 -15.65 23.82
CA ASN B 79 -35.99 -16.10 24.76
C ASN B 79 -35.38 -16.83 25.94
N ALA B 80 -34.33 -17.62 25.68
CA ALA B 80 -33.69 -18.39 26.74
C ALA B 80 -33.09 -17.48 27.81
N ILE B 81 -32.84 -16.24 27.47
CA ILE B 81 -32.31 -15.35 28.54
C ILE B 81 -33.47 -14.60 29.21
N ARG B 82 -34.60 -14.45 28.52
CA ARG B 82 -35.77 -13.81 29.18
C ARG B 82 -36.28 -14.79 30.23
N LYS B 83 -36.38 -16.04 29.81
CA LYS B 83 -36.80 -17.12 30.70
C LYS B 83 -36.17 -16.99 32.08
N ILE B 84 -34.86 -17.24 32.16
CA ILE B 84 -34.10 -17.07 33.40
C ILE B 84 -33.96 -15.58 33.69
N GLU B 85 -33.53 -15.24 34.89
CA GLU B 85 -33.29 -13.84 35.25
C GLU B 85 -32.27 -13.73 36.38
N SER B 88 -29.01 -16.83 36.64
CA SER B 88 -29.70 -17.85 37.42
C SER B 88 -30.04 -19.07 36.55
N ALA B 89 -29.05 -19.56 35.82
CA ALA B 89 -29.21 -20.69 34.91
C ALA B 89 -28.23 -21.80 35.27
N SER B 90 -28.36 -22.91 34.56
CA SER B 90 -27.45 -24.03 34.74
C SER B 90 -26.07 -23.68 34.17
N PRO B 91 -25.00 -24.27 34.73
CA PRO B 91 -23.67 -23.96 34.22
C PRO B 91 -23.46 -24.40 32.78
N ILE B 92 -23.98 -25.57 32.41
CA ILE B 92 -23.87 -26.02 31.02
C ILE B 92 -24.74 -25.17 30.11
N CYS B 93 -25.72 -24.44 30.66
CA CYS B 93 -26.48 -23.48 29.87
C CYS B 93 -25.75 -22.16 29.74
N CYS B 94 -25.12 -21.70 30.82
CA CYS B 94 -24.30 -20.49 30.74
C CYS B 94 -23.08 -20.70 29.85
N HIS B 95 -22.57 -21.93 29.80
CA HIS B 95 -21.46 -22.25 28.91
C HIS B 95 -21.88 -22.13 27.45
N VAL B 96 -23.09 -22.62 27.12
CA VAL B 96 -23.55 -22.61 25.74
C VAL B 96 -23.76 -21.18 25.25
N LEU B 97 -24.36 -20.32 26.08
CA LEU B 97 -24.59 -18.94 25.66
C LEU B 97 -23.30 -18.13 25.66
N GLY B 98 -22.37 -18.44 26.57
CA GLY B 98 -21.06 -17.82 26.49
C GLY B 98 -20.34 -18.17 25.19
N ILE B 99 -20.50 -19.41 24.73
CA ILE B 99 -19.95 -19.80 23.43
C ILE B 99 -20.70 -19.10 22.31
N TYR B 100 -21.99 -18.81 22.50
CA TYR B 100 -22.76 -18.13 21.46
C TYR B 100 -22.41 -16.64 21.39
N MET B 101 -22.32 -15.97 22.54
CA MET B 101 -21.98 -14.55 22.53
C MET B 101 -20.57 -14.31 21.99
N ARG B 102 -19.67 -15.26 22.19
CA ARG B 102 -18.34 -15.15 21.62
C ARG B 102 -18.38 -15.23 20.10
N ASN B 103 -19.28 -16.05 19.55
CA ASN B 103 -19.35 -16.21 18.10
C ASN B 103 -20.00 -15.02 17.42
N THR B 104 -20.98 -14.40 18.08
CA THR B 104 -21.57 -13.16 17.58
C THR B 104 -20.79 -11.93 18.02
N LYS B 105 -19.54 -12.11 18.45
CA LYS B 105 -18.64 -11.03 18.86
C LYS B 105 -19.23 -10.16 19.96
N GLU B 106 -20.02 -10.74 20.86
CA GLU B 106 -20.50 -10.05 22.05
C GLU B 106 -19.61 -10.45 23.21
N TYR B 107 -18.44 -9.81 23.28
CA TYR B 107 -17.42 -10.22 24.24
C TYR B 107 -17.82 -9.86 25.67
N LYS B 108 -18.29 -8.62 25.87
CA LYS B 108 -18.66 -8.18 27.22
C LYS B 108 -19.75 -9.07 27.81
N GLU B 109 -20.70 -9.50 26.97
CA GLU B 109 -21.74 -10.40 27.45
C GLU B 109 -21.25 -11.84 27.54
N SER B 110 -20.35 -12.26 26.65
CA SER B 110 -19.80 -13.60 26.74
C SER B 110 -19.06 -13.81 28.04
N ILE B 111 -18.30 -12.80 28.48
CA ILE B 111 -17.58 -12.90 29.74
C ILE B 111 -18.53 -13.13 30.90
N LYS B 112 -19.70 -12.47 30.87
CA LYS B 112 -20.64 -12.62 31.98
C LYS B 112 -21.32 -13.99 31.96
N TRP B 113 -21.62 -14.51 30.77
CA TRP B 113 -22.17 -15.86 30.71
C TRP B 113 -21.10 -16.90 31.04
N PHE B 114 -19.83 -16.59 30.77
CA PHE B 114 -18.75 -17.49 31.17
C PHE B 114 -18.44 -17.34 32.65
N THR B 115 -18.53 -16.11 33.18
CA THR B 115 -18.35 -15.91 34.61
C THR B 115 -19.52 -16.50 35.41
N ALA B 116 -20.73 -16.44 34.85
CA ALA B 116 -21.88 -17.03 35.53
C ALA B 116 -21.81 -18.56 35.50
N ALA B 117 -21.28 -19.13 34.40
CA ALA B 117 -21.13 -20.57 34.32
C ALA B 117 -20.33 -21.11 35.49
N LEU B 118 -19.24 -20.43 35.84
CA LEU B 118 -18.46 -20.80 37.02
C LEU B 118 -19.16 -20.40 38.32
N ASN B 119 -19.88 -19.27 38.32
CA ASN B 119 -20.57 -18.85 39.53
C ASN B 119 -21.72 -19.79 39.87
N ASN B 120 -22.31 -20.44 38.86
CA ASN B 120 -23.34 -21.44 39.09
C ASN B 120 -22.77 -22.85 39.20
N GLY B 121 -21.55 -22.98 39.70
CA GLY B 121 -20.93 -24.28 39.94
C GLY B 121 -20.10 -25.16 39.04
N SER B 122 -19.47 -24.58 38.03
CA SER B 122 -18.82 -25.32 36.95
C SER B 122 -17.51 -26.03 37.30
N THR B 123 -17.26 -27.12 36.59
CA THR B 123 -16.02 -27.88 36.74
C THR B 123 -15.02 -27.60 35.64
N ASN B 124 -15.49 -27.33 34.42
CA ASN B 124 -14.64 -27.01 33.28
C ASN B 124 -13.68 -25.88 33.63
N LYS B 125 -12.40 -26.20 33.82
CA LYS B 125 -11.41 -25.18 34.13
C LYS B 125 -10.91 -24.46 32.89
N GLN B 126 -11.37 -24.85 31.69
CA GLN B 126 -11.03 -24.12 30.48
C GLN B 126 -11.75 -22.79 30.38
N ILE B 127 -12.79 -22.57 31.18
CA ILE B 127 -13.46 -21.28 31.22
C ILE B 127 -12.49 -20.19 31.65
N TYR B 128 -11.43 -20.54 32.38
CA TYR B 128 -10.43 -19.54 32.76
C TYR B 128 -9.59 -19.13 31.56
N ARG B 129 -9.23 -20.07 30.70
CA ARG B 129 -8.54 -19.70 29.46
C ARG B 129 -9.50 -19.01 28.50
N ASP B 130 -10.75 -19.49 28.42
CA ASP B 130 -11.75 -18.83 27.60
C ASP B 130 -12.06 -17.44 28.12
N LEU B 131 -12.01 -17.25 29.44
CA LEU B 131 -12.18 -15.91 29.99
C LEU B 131 -10.94 -15.05 29.79
N ALA B 132 -9.75 -15.66 29.84
CA ALA B 132 -8.53 -14.90 29.65
C ALA B 132 -8.43 -14.36 28.23
N THR B 133 -8.81 -15.17 27.24
CA THR B 133 -8.78 -14.71 25.86
C THR B 133 -9.77 -13.58 25.64
N LEU B 134 -10.99 -13.73 26.16
CA LEU B 134 -12.03 -12.73 25.95
C LEU B 134 -11.71 -11.44 26.69
N GLN B 135 -11.19 -11.54 27.92
CA GLN B 135 -10.91 -10.35 28.70
C GLN B 135 -9.75 -9.56 28.11
N SER B 136 -8.75 -10.24 27.55
CA SER B 136 -7.67 -9.54 26.89
C SER B 136 -8.14 -8.82 25.64
N GLN B 137 -9.19 -9.33 25.00
CA GLN B 137 -9.69 -8.71 23.77
C GLN B 137 -10.34 -7.36 24.03
N ILE B 138 -11.02 -7.22 25.17
CA ILE B 138 -11.72 -5.97 25.49
C ILE B 138 -10.80 -5.02 26.24
N GLY B 139 -9.53 -5.39 26.37
CA GLY B 139 -8.59 -4.57 27.10
C GLY B 139 -8.68 -4.68 28.61
N ASP B 140 -9.46 -5.62 29.12
CA ASP B 140 -9.61 -5.82 30.56
C ASP B 140 -8.52 -6.76 31.06
N PHE B 141 -7.29 -6.24 31.05
CA PHE B 141 -6.13 -7.03 31.45
C PHE B 141 -5.98 -7.12 32.97
N LYS B 142 -6.68 -6.28 33.73
CA LYS B 142 -6.70 -6.46 35.17
C LYS B 142 -7.45 -7.73 35.55
N SER B 143 -8.50 -8.02 34.82
CA SER B 143 -9.33 -9.21 35.06
C SER B 143 -8.74 -10.41 34.34
N ALA B 144 -8.01 -10.21 33.25
CA ALA B 144 -7.38 -11.30 32.54
C ALA B 144 -6.25 -11.92 33.35
N LEU B 145 -5.53 -11.11 34.12
CA LEU B 145 -4.48 -11.64 34.97
C LEU B 145 -5.04 -12.61 36.00
N VAL B 146 -6.22 -12.31 36.55
CA VAL B 146 -6.88 -13.24 37.46
C VAL B 146 -7.16 -14.55 36.76
N SER B 147 -7.62 -14.50 35.51
CA SER B 147 -7.92 -15.72 34.77
C SER B 147 -6.66 -16.50 34.44
N ARG B 148 -5.57 -15.80 34.10
CA ARG B 148 -4.32 -16.49 33.83
C ARG B 148 -3.83 -17.22 35.06
N LYS B 149 -3.84 -16.54 36.21
CA LYS B 149 -3.43 -17.17 37.47
C LYS B 149 -4.24 -18.43 37.75
N LYS B 150 -5.55 -18.38 37.51
CA LYS B 150 -6.40 -19.53 37.81
C LYS B 150 -6.11 -20.68 36.86
N TYR B 151 -6.01 -20.40 35.56
CA TYR B 151 -5.70 -21.45 34.60
C TYR B 151 -4.27 -21.95 34.77
N TRP B 152 -3.35 -21.04 35.09
CA TRP B 152 -1.96 -21.43 35.36
C TRP B 152 -1.89 -22.44 36.49
N GLU B 153 -2.56 -22.15 37.61
CA GLU B 153 -2.63 -23.10 38.72
C GLU B 153 -3.24 -24.42 38.29
N ALA B 154 -4.21 -24.38 37.38
CA ALA B 154 -4.89 -25.63 37.00
C ALA B 154 -4.03 -26.52 36.09
N PHE B 155 -3.13 -25.94 35.32
CA PHE B 155 -2.30 -26.73 34.39
C PHE B 155 -0.88 -26.18 34.44
N LEU B 156 -0.14 -26.56 35.47
CA LEU B 156 1.24 -26.13 35.64
C LEU B 156 2.20 -26.83 34.69
N GLY B 157 1.78 -27.94 34.06
CA GLY B 157 2.68 -28.69 33.21
C GLY B 157 2.97 -28.08 31.86
N TYR B 158 2.12 -27.15 31.40
CA TYR B 158 2.24 -26.56 30.07
C TYR B 158 2.95 -25.22 30.17
N ARG B 159 4.06 -25.09 29.44
CA ARG B 159 4.83 -23.84 29.48
C ARG B 159 4.01 -22.66 29.01
N ALA B 160 3.10 -22.88 28.05
CA ALA B 160 2.31 -21.78 27.49
C ALA B 160 1.57 -21.03 28.57
N ASN B 161 1.08 -21.73 29.59
CA ASN B 161 0.37 -21.07 30.67
C ASN B 161 1.30 -20.23 31.54
N TRP B 162 2.59 -20.55 31.58
CA TRP B 162 3.56 -19.69 32.26
C TRP B 162 3.78 -18.41 31.48
N THR B 163 4.06 -18.52 30.17
CA THR B 163 4.21 -17.34 29.33
C THR B 163 2.95 -16.48 29.37
N SER B 164 1.78 -17.11 29.39
CA SER B 164 0.53 -16.36 29.45
C SER B 164 0.44 -15.57 30.76
N LEU B 165 0.70 -16.24 31.89
CA LEU B 165 0.67 -15.55 33.17
C LEU B 165 1.67 -14.40 33.20
N ALA B 166 2.87 -14.62 32.67
CA ALA B 166 3.89 -13.58 32.67
C ALA B 166 3.47 -12.40 31.82
N VAL B 167 2.99 -12.66 30.59
CA VAL B 167 2.55 -11.58 29.71
C VAL B 167 1.43 -10.79 30.37
N ALA B 168 0.52 -11.48 31.05
CA ALA B 168 -0.54 -10.77 31.79
C ALA B 168 0.06 -9.87 32.86
N GLN B 169 1.03 -10.38 33.62
CA GLN B 169 1.68 -9.56 34.63
C GLN B 169 2.47 -8.42 33.99
N ASP B 170 3.14 -8.71 32.87
CA ASP B 170 3.96 -7.69 32.20
C ASP B 170 3.14 -6.47 31.82
N VAL B 171 1.94 -6.68 31.27
CA VAL B 171 1.12 -5.55 30.85
C VAL B 171 0.39 -4.91 32.02
N ASN B 172 0.27 -5.58 33.16
CA ASN B 172 -0.33 -5.00 34.35
C ASN B 172 0.64 -4.16 35.16
N GLY B 173 1.84 -3.90 34.64
CA GLY B 173 2.86 -3.19 35.36
C GLY B 173 3.69 -4.04 36.30
N GLU B 174 3.26 -5.27 36.58
CA GLU B 174 4.01 -6.18 37.46
C GLU B 174 5.20 -6.78 36.71
N ARG B 175 6.14 -5.89 36.35
CA ARG B 175 7.30 -6.32 35.58
C ARG B 175 8.13 -7.37 36.33
N GLN B 176 8.26 -7.20 37.64
CA GLN B 176 9.07 -8.14 38.42
C GLN B 176 8.41 -9.50 38.51
N GLN B 177 7.11 -9.53 38.78
CA GLN B 177 6.38 -10.80 38.84
C GLN B 177 6.48 -11.56 37.52
N ALA B 178 6.52 -10.84 36.39
CA ALA B 178 6.70 -11.48 35.10
C ALA B 178 8.05 -12.17 35.02
N ILE B 179 9.13 -11.45 35.35
CA ILE B 179 10.47 -12.03 35.30
C ILE B 179 10.57 -13.22 36.25
N ASN B 180 10.03 -13.08 37.47
CA ASN B 180 10.03 -14.20 38.41
C ASN B 180 9.29 -15.39 37.85
N THR B 181 8.17 -15.14 37.16
CA THR B 181 7.38 -16.22 36.58
C THR B 181 8.18 -16.98 35.53
N LEU B 182 8.76 -16.26 34.57
CA LEU B 182 9.55 -16.89 33.53
C LEU B 182 10.79 -17.56 34.10
N SER B 183 11.44 -16.91 35.07
CA SER B 183 12.61 -17.50 35.69
C SER B 183 12.26 -18.79 36.42
N GLN B 184 11.11 -18.80 37.12
CA GLN B 184 10.71 -20.01 37.84
C GLN B 184 10.59 -21.20 36.90
N PHE B 185 9.98 -21.00 35.72
CA PHE B 185 9.92 -22.10 34.76
C PHE B 185 11.30 -22.43 34.22
N GLU B 186 12.12 -21.41 33.93
CA GLU B 186 13.47 -21.65 33.44
C GLU B 186 14.22 -22.62 34.36
N LYS B 187 14.11 -22.40 35.67
CA LYS B 187 14.82 -23.23 36.63
C LYS B 187 14.18 -24.61 36.75
N LEU B 188 12.86 -24.70 36.57
CA LEU B 188 12.20 -25.99 36.67
C LEU B 188 12.50 -26.88 35.48
N ALA B 189 12.70 -26.28 34.30
CA ALA B 189 12.91 -27.04 33.08
C ALA B 189 14.37 -27.11 32.67
N GLU B 190 15.30 -26.89 33.61
CA GLU B 190 16.72 -26.98 33.30
C GLU B 190 17.06 -28.35 32.76
N GLY B 191 17.78 -28.37 31.63
CA GLY B 191 18.22 -29.62 31.04
C GLY B 191 17.11 -30.52 30.53
N LYS B 192 15.92 -29.97 30.29
CA LYS B 192 14.80 -30.76 29.76
C LYS B 192 14.12 -30.04 28.61
N ILE B 193 14.85 -29.17 27.90
CA ILE B 193 14.32 -28.49 26.73
C ILE B 193 14.72 -29.28 25.49
N SER B 194 13.73 -29.85 24.80
CA SER B 194 13.99 -30.66 23.62
C SER B 194 14.12 -29.78 22.38
N ASP B 195 14.43 -30.40 21.25
CA ASP B 195 14.68 -29.65 20.02
C ASP B 195 13.43 -28.91 19.56
N SER B 196 12.26 -29.53 19.70
CA SER B 196 11.02 -28.85 19.32
C SER B 196 10.77 -27.64 20.20
N GLU B 197 11.16 -27.70 21.47
CA GLU B 197 10.93 -26.62 22.42
C GLU B 197 12.04 -25.58 22.44
N LYS B 198 13.05 -25.70 21.57
CA LYS B 198 14.16 -24.76 21.62
C LYS B 198 13.79 -23.40 21.08
N TYR B 199 12.88 -23.32 20.11
CA TYR B 199 12.44 -22.01 19.62
C TYR B 199 11.67 -21.26 20.72
N GLU B 200 10.68 -21.92 21.31
CA GLU B 200 9.91 -21.30 22.39
C GLU B 200 10.82 -20.86 23.53
N HIS B 201 11.85 -21.66 23.82
CA HIS B 201 12.80 -21.27 24.86
C HIS B 201 13.59 -20.04 24.45
N SER B 202 13.94 -19.92 23.17
CA SER B 202 14.69 -18.76 22.70
C SER B 202 13.85 -17.49 22.80
N GLU B 203 12.55 -17.61 22.53
CA GLU B 203 11.68 -16.43 22.59
C GLU B 203 11.46 -15.98 24.04
N CYS B 204 11.24 -16.92 24.95
CA CYS B 204 10.99 -16.56 26.34
C CYS B 204 12.22 -15.98 27.02
N LEU B 205 13.42 -16.29 26.53
CA LEU B 205 14.63 -15.67 27.08
C LEU B 205 14.79 -14.24 26.57
N MET B 206 14.64 -14.05 25.24
CA MET B 206 14.67 -12.70 24.69
C MET B 206 13.55 -11.85 25.28
N TYR B 207 12.41 -12.45 25.60
CA TYR B 207 11.32 -11.71 26.23
C TYR B 207 11.68 -11.30 27.65
N LYS B 208 12.30 -12.21 28.42
CA LYS B 208 12.75 -11.85 29.77
C LYS B 208 13.79 -10.74 29.72
N ASN B 209 14.61 -10.72 28.67
CA ASN B 209 15.55 -9.61 28.50
C ASN B 209 14.83 -8.32 28.13
N ASP B 210 13.69 -8.43 27.44
CA ASP B 210 12.92 -7.24 27.08
C ASP B 210 12.36 -6.56 28.32
N VAL B 211 11.83 -7.34 29.24
CA VAL B 211 11.24 -6.79 30.49
C VAL B 211 12.36 -6.15 31.30
N MET B 212 13.46 -6.87 31.53
CA MET B 212 14.57 -6.34 32.32
C MET B 212 15.12 -5.07 31.71
N TYR B 213 15.24 -5.01 30.39
CA TYR B 213 15.78 -3.83 29.74
C TYR B 213 14.86 -2.63 29.90
N LYS B 214 13.55 -2.85 29.80
CA LYS B 214 12.60 -1.75 30.00
C LYS B 214 12.50 -1.34 31.46
N ALA B 215 12.87 -2.22 32.39
CA ALA B 215 12.87 -1.89 33.80
C ALA B 215 14.19 -1.27 34.25
N ALA B 216 15.27 -1.51 33.53
CA ALA B 216 16.55 -0.88 33.86
C ALA B 216 16.54 0.61 33.54
N SER B 217 15.72 1.02 32.57
CA SER B 217 15.68 2.40 32.09
C SER B 217 17.17 2.69 31.93
N ASP B 218 17.61 3.85 32.42
CA ASP B 218 18.93 4.40 32.15
C ASP B 218 19.85 4.25 33.36
N ASN B 219 19.60 3.25 34.19
CA ASN B 219 20.43 2.96 35.35
C ASN B 219 21.59 2.08 34.88
N GLN B 220 22.79 2.66 34.81
CA GLN B 220 23.95 1.92 34.32
C GLN B 220 24.28 0.73 35.21
N ASP B 221 24.01 0.85 36.52
CA ASP B 221 24.24 -0.28 37.42
C ASP B 221 23.39 -1.48 37.01
N LYS B 222 22.12 -1.24 36.66
CA LYS B 222 21.27 -2.34 36.21
C LYS B 222 21.49 -2.65 34.74
N LEU B 223 21.71 -1.61 33.91
CA LEU B 223 21.97 -1.84 32.49
C LEU B 223 23.14 -2.79 32.28
N GLN B 224 24.04 -2.88 33.26
CA GLN B 224 25.12 -3.86 33.17
C GLN B 224 24.60 -5.27 33.36
N ASN B 225 23.61 -5.47 34.24
CA ASN B 225 23.12 -6.82 34.52
C ASN B 225 22.24 -7.32 33.40
N VAL B 226 21.47 -6.44 32.74
CA VAL B 226 20.73 -6.89 31.58
C VAL B 226 21.69 -7.28 30.46
N LEU B 227 22.86 -6.63 30.41
CA LEU B 227 23.89 -7.02 29.45
C LEU B 227 24.47 -8.39 29.77
N LYS B 228 24.61 -8.71 31.06
CA LYS B 228 25.10 -10.04 31.44
C LYS B 228 24.09 -11.11 31.07
N HIS B 229 22.81 -10.87 31.35
CA HIS B 229 21.78 -11.86 31.01
C HIS B 229 21.73 -12.12 29.51
N LEU B 230 21.92 -11.07 28.70
CA LEU B 230 21.86 -11.23 27.25
C LEU B 230 23.00 -12.10 26.74
N ASN B 231 24.18 -11.99 27.36
CA ASN B 231 25.31 -12.82 26.94
C ASN B 231 25.26 -14.22 27.55
N ASP B 232 24.48 -14.41 28.62
CA ASP B 232 24.28 -15.76 29.14
C ASP B 232 23.32 -16.55 28.27
N ILE B 233 22.22 -15.91 27.85
CA ILE B 233 21.19 -16.61 27.09
C ILE B 233 21.57 -16.77 25.62
N GLU B 234 22.56 -16.02 25.13
CA GLU B 234 22.93 -16.00 23.72
C GLU B 234 23.03 -17.38 23.07
N PRO B 235 23.67 -18.39 23.67
CA PRO B 235 23.71 -19.70 23.00
C PRO B 235 22.35 -20.33 22.76
N CYS B 236 21.36 -20.01 23.58
CA CYS B 236 20.02 -20.57 23.43
C CYS B 236 19.07 -19.63 22.69
N VAL B 237 19.54 -18.48 22.23
CA VAL B 237 18.71 -17.49 21.54
C VAL B 237 19.01 -17.57 20.05
N PHE B 238 17.97 -17.79 19.25
CA PHE B 238 18.11 -17.87 17.79
C PHE B 238 17.71 -16.59 17.09
N ASP B 239 17.11 -15.63 17.79
CA ASP B 239 16.83 -14.30 17.26
C ASP B 239 18.10 -13.44 17.36
N LYS B 240 19.12 -13.86 16.62
CA LYS B 240 20.43 -13.19 16.70
C LYS B 240 20.32 -11.72 16.31
N PHE B 241 19.50 -11.43 15.29
CA PHE B 241 19.31 -10.04 14.87
C PHE B 241 18.78 -9.18 16.02
N GLY B 242 17.75 -9.68 16.72
CA GLY B 242 17.17 -8.92 17.81
C GLY B 242 18.08 -8.86 19.02
N LEU B 243 18.79 -9.96 19.30
CA LEU B 243 19.77 -9.95 20.39
C LEU B 243 20.89 -8.97 20.10
N LEU B 244 21.41 -8.97 18.88
CA LEU B 244 22.45 -8.02 18.51
C LEU B 244 21.91 -6.59 18.52
N GLU B 245 20.68 -6.40 18.04
CA GLU B 245 20.06 -5.08 18.08
C GLU B 245 19.91 -4.60 19.52
N ARG B 246 19.58 -5.52 20.44
CA ARG B 246 19.45 -5.16 21.85
C ARG B 246 20.81 -4.83 22.46
N LYS B 247 21.82 -5.66 22.20
CA LYS B 247 23.13 -5.47 22.80
C LYS B 247 23.71 -4.11 22.45
N ALA B 248 23.59 -3.70 21.19
CA ALA B 248 24.12 -2.41 20.78
C ALA B 248 23.37 -1.25 21.42
N THR B 249 22.12 -1.45 21.83
CA THR B 249 21.38 -0.38 22.49
C THR B 249 21.86 -0.20 23.93
N ILE B 250 22.18 -1.30 24.61
CA ILE B 250 22.71 -1.20 25.97
C ILE B 250 24.08 -0.54 25.96
N TYR B 251 24.98 -0.99 25.08
CA TYR B 251 26.29 -0.38 24.96
C TYR B 251 26.18 1.12 24.73
N MET B 252 25.18 1.55 23.97
CA MET B 252 24.97 2.98 23.77
C MET B 252 24.41 3.63 25.04
N LYS B 253 23.46 2.97 25.70
CA LYS B 253 22.96 3.49 26.97
C LYS B 253 24.01 3.37 28.07
N LEU B 254 24.91 2.39 27.97
CA LEU B 254 26.01 2.26 28.91
C LEU B 254 27.19 3.18 28.58
N GLY B 255 27.11 3.92 27.47
CA GLY B 255 28.19 4.79 27.07
C GLY B 255 29.37 4.12 26.40
N GLN B 256 29.42 2.79 26.39
CA GLN B 256 30.51 2.06 25.76
C GLN B 256 30.38 2.10 24.24
N LEU B 257 30.49 3.32 23.70
CA LEU B 257 30.23 3.54 22.28
C LEU B 257 31.19 2.76 21.39
N LYS B 258 32.40 2.49 21.89
CA LYS B 258 33.33 1.66 21.13
C LYS B 258 32.80 0.24 20.99
N ASP B 259 32.15 -0.28 22.03
CA ASP B 259 31.59 -1.62 21.96
C ASP B 259 30.35 -1.64 21.07
N ALA B 260 29.54 -0.58 21.11
CA ALA B 260 28.37 -0.51 20.26
C ALA B 260 28.75 -0.45 18.78
N SER B 261 29.83 0.27 18.47
CA SER B 261 30.28 0.37 17.08
C SER B 261 30.64 -1.00 16.51
N ILE B 262 31.09 -1.92 17.37
CA ILE B 262 31.43 -3.25 16.89
C ILE B 262 30.17 -4.05 16.58
N VAL B 263 29.10 -3.84 17.34
CA VAL B 263 27.85 -4.53 17.06
C VAL B 263 27.19 -3.93 15.82
N TYR B 264 27.16 -2.59 15.73
CA TYR B 264 26.59 -1.95 14.55
C TYR B 264 27.31 -2.37 13.28
N ARG B 265 28.60 -2.72 13.38
CA ARG B 265 29.33 -3.23 12.22
C ARG B 265 28.95 -4.68 11.93
N THR B 266 28.71 -5.48 12.97
CA THR B 266 28.27 -6.86 12.77
C THR B 266 26.88 -6.91 12.15
N LEU B 267 25.99 -6.02 12.58
CA LEU B 267 24.64 -5.97 12.02
C LEU B 267 24.68 -5.61 10.54
N ILE B 268 25.48 -4.61 10.19
CA ILE B 268 25.63 -4.23 8.78
C ILE B 268 26.11 -5.41 7.96
N LYS B 269 27.07 -6.18 8.49
CA LYS B 269 27.56 -7.36 7.77
C LYS B 269 26.44 -8.38 7.57
N ARG B 270 25.52 -8.50 8.53
CA ARG B 270 24.41 -9.43 8.39
C ARG B 270 23.35 -8.92 7.42
N ASN B 271 23.32 -7.62 7.16
CA ASN B 271 22.38 -7.02 6.21
C ASN B 271 22.90 -5.65 5.79
N PRO B 272 23.74 -5.59 4.76
CA PRO B 272 24.29 -4.29 4.33
C PRO B 272 23.31 -3.44 3.54
N ASP B 273 22.08 -3.92 3.32
CA ASP B 273 21.04 -3.16 2.65
C ASP B 273 20.11 -2.46 3.64
N ASN B 274 20.49 -2.40 4.91
CA ASN B 274 19.66 -1.81 5.96
C ASN B 274 20.24 -0.45 6.33
N PHE B 275 19.52 0.61 5.95
CA PHE B 275 20.01 1.96 6.20
C PHE B 275 20.11 2.30 7.68
N LYS B 276 19.39 1.57 8.55
CA LYS B 276 19.34 1.94 9.95
C LYS B 276 20.67 1.73 10.65
N TYR B 277 21.30 0.57 10.44
CA TYR B 277 22.53 0.25 11.13
C TYR B 277 23.68 1.17 10.70
N TYR B 278 23.66 1.64 9.46
CA TYR B 278 24.74 2.51 8.98
C TYR B 278 24.80 3.81 9.77
N LYS B 279 23.68 4.53 9.84
CA LYS B 279 23.69 5.82 10.53
C LYS B 279 23.76 5.65 12.04
N LEU B 280 23.23 4.55 12.57
CA LEU B 280 23.41 4.26 13.99
C LEU B 280 24.87 4.07 14.31
N LEU B 281 25.63 3.44 13.40
CA LEU B 281 27.06 3.28 13.61
C LEU B 281 27.76 4.63 13.72
N GLU B 282 27.32 5.62 12.94
CA GLU B 282 27.92 6.95 12.99
C GLU B 282 27.88 7.51 14.42
N VAL B 283 26.73 7.39 15.09
CA VAL B 283 26.60 7.96 16.42
C VAL B 283 27.51 7.24 17.39
N SER B 284 27.73 5.93 17.18
CA SER B 284 28.64 5.19 18.04
C SER B 284 30.08 5.65 17.85
N LEU B 285 30.44 6.04 16.63
CA LEU B 285 31.78 6.56 16.36
C LEU B 285 31.92 8.03 16.74
N GLY B 286 30.82 8.75 16.88
CA GLY B 286 30.86 10.17 17.18
C GLY B 286 31.01 11.07 15.98
N ILE B 287 31.25 10.51 14.80
CA ILE B 287 31.49 11.30 13.59
C ILE B 287 30.16 11.77 13.01
N GLN B 288 29.15 11.95 13.86
CA GLN B 288 27.81 12.28 13.40
C GLN B 288 27.77 13.59 12.62
N GLY B 289 28.65 14.52 12.95
CA GLY B 289 28.67 15.80 12.27
C GLY B 289 30.00 16.13 11.64
N ASP B 290 30.64 15.14 11.03
CA ASP B 290 31.93 15.31 10.38
C ASP B 290 31.84 14.71 8.97
N ASN B 291 31.46 15.54 8.00
CA ASN B 291 31.38 15.08 6.62
C ASN B 291 32.75 14.62 6.10
N LYS B 292 33.83 15.16 6.66
CA LYS B 292 35.18 14.73 6.29
C LYS B 292 35.55 13.39 6.87
N LEU B 293 34.92 12.97 7.96
CA LEU B 293 35.11 11.62 8.48
C LEU B 293 34.00 10.68 8.07
N LYS B 294 32.84 11.21 7.69
CA LYS B 294 31.78 10.38 7.11
C LYS B 294 32.14 9.95 5.69
N LYS B 295 32.77 10.86 4.92
CA LYS B 295 33.21 10.51 3.58
C LYS B 295 34.20 9.35 3.60
N ALA B 296 35.09 9.32 4.60
CA ALA B 296 36.07 8.25 4.68
C ALA B 296 35.44 6.96 5.20
N LEU B 297 34.48 7.10 6.13
CA LEU B 297 33.74 5.95 6.64
C LEU B 297 33.08 5.17 5.51
N TYR B 298 32.15 5.80 4.81
CA TYR B 298 31.41 5.11 3.75
C TYR B 298 32.32 4.72 2.60
N GLY B 299 33.38 5.49 2.34
CA GLY B 299 34.35 5.07 1.37
C GLY B 299 35.00 3.75 1.74
N LYS B 300 35.27 3.56 3.04
CA LYS B 300 35.78 2.30 3.54
C LYS B 300 34.71 1.23 3.62
N LEU B 301 33.44 1.62 3.71
CA LEU B 301 32.34 0.66 3.64
C LEU B 301 31.92 0.37 2.19
N GLU B 302 32.25 1.26 1.26
CA GLU B 302 31.97 1.03 -0.15
C GLU B 302 32.78 -0.13 -0.73
N GLN B 303 33.85 -0.56 -0.05
CA GLN B 303 34.66 -1.67 -0.51
C GLN B 303 34.16 -3.01 0.02
N PHE B 304 33.69 -3.04 1.28
CA PHE B 304 33.08 -4.25 1.81
C PHE B 304 31.77 -4.57 1.10
N TYR B 305 30.94 -3.55 0.90
CA TYR B 305 29.61 -3.69 0.30
C TYR B 305 29.51 -2.74 -0.89
N PRO B 306 30.10 -3.11 -2.03
CA PRO B 306 30.08 -2.22 -3.20
C PRO B 306 28.81 -2.31 -4.04
N ARG B 307 27.92 -3.26 -3.75
CA ARG B 307 26.64 -3.33 -4.43
C ARG B 307 25.55 -2.62 -3.64
N CYS B 308 25.71 -2.50 -2.32
CA CYS B 308 24.69 -1.88 -1.49
C CYS B 308 24.70 -0.37 -1.63
N GLU B 309 23.52 0.22 -1.52
CA GLU B 309 23.28 1.64 -1.74
C GLU B 309 23.58 2.55 -0.54
N PRO B 310 23.46 2.10 0.71
CA PRO B 310 23.79 2.99 1.85
C PRO B 310 25.15 3.64 1.73
N PRO B 311 26.22 2.90 1.37
CA PRO B 311 27.51 3.58 1.21
C PRO B 311 27.52 4.56 0.04
N LYS B 312 26.72 4.32 -1.00
CA LYS B 312 26.68 5.19 -2.16
C LYS B 312 25.66 6.32 -2.04
N PHE B 313 24.70 6.20 -1.12
CA PHE B 313 23.62 7.18 -1.03
C PHE B 313 23.73 8.11 0.17
N ILE B 314 24.13 7.61 1.34
CA ILE B 314 24.19 8.42 2.55
C ILE B 314 25.10 9.63 2.36
N PRO B 315 26.24 9.52 1.67
CA PRO B 315 27.03 10.74 1.39
C PRO B 315 26.23 11.86 0.73
N LEU B 316 25.22 11.53 -0.07
CA LEU B 316 24.44 12.56 -0.74
C LEU B 316 23.55 13.36 0.20
N THR B 317 23.54 13.04 1.50
CA THR B 317 22.73 13.76 2.46
C THR B 317 23.52 14.73 3.32
N PHE B 318 24.85 14.76 3.18
CA PHE B 318 25.66 15.70 3.96
C PHE B 318 26.77 16.38 3.19
N LEU B 319 27.23 15.85 2.05
CA LEU B 319 28.26 16.51 1.28
C LEU B 319 27.81 17.91 0.89
N GLN B 320 28.68 18.90 1.10
CA GLN B 320 28.36 20.29 0.80
C GLN B 320 29.30 20.92 -0.21
N ASP B 321 30.24 20.15 -0.77
CA ASP B 321 31.16 20.66 -1.78
C ASP B 321 30.63 20.23 -3.14
N LYS B 322 30.25 21.23 -3.96
CA LYS B 322 29.61 20.95 -5.24
C LYS B 322 30.43 19.97 -6.08
N GLU B 323 31.74 20.24 -6.21
CA GLU B 323 32.59 19.40 -7.05
C GLU B 323 32.56 17.94 -6.62
N GLU B 324 32.68 17.69 -5.31
CA GLU B 324 32.68 16.31 -4.84
C GLU B 324 31.27 15.74 -4.74
N LEU B 325 30.32 16.52 -4.22
CA LEU B 325 28.93 16.08 -4.19
C LEU B 325 28.46 15.67 -5.57
N SER B 326 28.83 16.45 -6.59
CA SER B 326 28.48 16.11 -7.97
C SER B 326 29.19 14.86 -8.46
N LYS B 327 30.33 14.50 -7.85
CA LYS B 327 31.02 13.28 -8.24
C LYS B 327 30.21 12.05 -7.84
N LYS B 328 29.82 11.97 -6.56
CA LYS B 328 29.05 10.81 -6.09
C LYS B 328 27.67 10.77 -6.73
N LEU B 329 27.03 11.94 -6.89
CA LEU B 329 25.76 12.01 -7.63
C LEU B 329 25.90 11.37 -8.99
N ARG B 330 27.05 11.59 -9.65
CA ARG B 330 27.32 10.94 -10.91
C ARG B 330 27.53 9.44 -10.75
N GLU B 331 28.09 9.01 -9.62
CA GLU B 331 28.38 7.59 -9.40
C GLU B 331 27.14 6.78 -9.01
N TYR B 332 26.04 7.43 -8.63
CA TYR B 332 24.87 6.71 -8.16
C TYR B 332 23.76 6.62 -9.20
N VAL B 333 23.59 7.65 -10.03
CA VAL B 333 22.50 7.67 -11.00
C VAL B 333 22.96 7.34 -12.41
N LEU B 334 24.24 7.57 -12.75
CA LEU B 334 24.69 7.21 -14.10
C LEU B 334 24.80 5.71 -14.30
N PRO B 335 25.36 4.92 -13.38
CA PRO B 335 25.36 3.46 -13.60
C PRO B 335 23.95 2.91 -13.72
N GLN B 336 23.00 3.56 -13.05
CA GLN B 336 21.61 3.14 -13.11
C GLN B 336 21.00 3.41 -14.47
N LEU B 337 21.19 4.64 -15.00
CA LEU B 337 20.71 4.95 -16.34
C LEU B 337 21.41 4.12 -17.39
N LYS B 338 22.61 3.63 -17.08
CA LYS B 338 23.38 2.75 -18.00
C LYS B 338 22.63 1.42 -18.10
N ARG B 339 22.22 0.86 -16.97
CA ARG B 339 21.45 -0.38 -16.91
C ARG B 339 19.97 -0.15 -17.20
N GLY B 340 19.54 1.11 -17.34
CA GLY B 340 18.16 1.44 -17.60
C GLY B 340 17.20 0.94 -16.54
N VAL B 341 17.44 1.28 -15.29
CA VAL B 341 16.58 0.85 -14.18
C VAL B 341 15.49 1.91 -13.99
N PRO B 342 14.21 1.54 -14.10
CA PRO B 342 13.15 2.56 -14.13
C PRO B 342 13.02 3.37 -12.85
N ALA B 343 13.48 2.86 -11.71
CA ALA B 343 13.34 3.56 -10.45
C ALA B 343 14.50 4.52 -10.17
N THR B 344 15.28 4.88 -11.21
CA THR B 344 16.44 5.74 -11.01
C THR B 344 16.06 7.05 -10.36
N PHE B 345 15.03 7.73 -10.90
CA PHE B 345 14.59 8.98 -10.30
C PHE B 345 13.90 8.74 -8.96
N SER B 346 13.09 7.68 -8.87
CA SER B 346 12.40 7.38 -7.62
C SER B 346 13.37 7.07 -6.50
N ASN B 347 14.60 6.65 -6.81
CA ASN B 347 15.61 6.42 -5.79
C ASN B 347 16.29 7.70 -5.35
N VAL B 348 16.33 8.72 -6.23
CA VAL B 348 17.02 9.97 -5.93
C VAL B 348 16.05 11.10 -5.64
N LYS B 349 14.75 10.84 -5.66
CA LYS B 349 13.75 11.84 -5.39
C LYS B 349 13.76 12.37 -3.95
N PRO B 350 14.06 11.54 -2.94
CA PRO B 350 14.20 12.11 -1.58
C PRO B 350 15.15 13.30 -1.51
N LEU B 351 16.25 13.28 -2.26
CA LEU B 351 17.13 14.43 -2.31
C LEU B 351 16.43 15.64 -2.91
N TYR B 352 15.54 15.42 -3.89
CA TYR B 352 14.76 16.49 -4.49
C TYR B 352 13.77 17.13 -3.51
N GLN B 353 13.54 16.52 -2.37
CA GLN B 353 12.58 17.04 -1.40
C GLN B 353 13.24 17.60 -0.14
N ARG B 354 14.30 16.97 0.35
CA ARG B 354 14.98 17.44 1.55
C ARG B 354 16.06 18.47 1.24
N ARG B 355 16.76 18.35 0.10
CA ARG B 355 17.75 19.32 -0.31
C ARG B 355 17.67 19.54 -1.82
N LYS B 356 16.51 20.02 -2.28
CA LYS B 356 16.31 20.28 -3.70
C LYS B 356 17.27 21.35 -4.20
N SER B 357 17.42 22.44 -3.43
CA SER B 357 18.15 23.60 -3.91
C SER B 357 19.59 23.25 -4.30
N LYS B 358 20.21 22.33 -3.57
CA LYS B 358 21.60 21.93 -3.83
C LYS B 358 21.71 20.59 -4.55
N VAL B 359 20.59 19.95 -4.90
CA VAL B 359 20.69 18.72 -5.66
C VAL B 359 19.87 18.75 -6.96
N SER B 360 18.86 19.59 -7.07
CA SER B 360 18.10 19.67 -8.32
C SER B 360 18.96 20.07 -9.51
N PRO B 361 19.73 21.18 -9.50
CA PRO B 361 20.42 21.60 -10.73
C PRO B 361 21.66 20.78 -11.05
N LEU B 362 22.32 20.22 -10.04
CA LEU B 362 23.54 19.44 -10.31
C LEU B 362 23.22 18.09 -10.92
N LEU B 363 22.06 17.51 -10.60
CA LEU B 363 21.64 16.30 -11.28
C LEU B 363 21.12 16.59 -12.68
N GLU B 364 20.48 17.75 -12.87
CA GLU B 364 20.01 18.12 -14.21
C GLU B 364 21.17 18.19 -15.20
N LYS B 365 22.29 18.78 -14.79
CA LYS B 365 23.45 18.85 -15.69
C LYS B 365 24.04 17.46 -15.93
N ILE B 366 24.15 16.65 -14.88
CA ILE B 366 24.76 15.33 -15.02
C ILE B 366 23.97 14.48 -16.01
N VAL B 367 22.64 14.44 -15.85
CA VAL B 367 21.83 13.59 -16.70
C VAL B 367 21.75 14.15 -18.12
N LEU B 368 21.56 15.46 -18.26
CA LEU B 368 21.46 16.06 -19.59
C LEU B 368 22.72 15.81 -20.39
N ASP B 369 23.89 16.10 -19.80
CA ASP B 369 25.16 15.82 -20.47
C ASP B 369 25.30 14.35 -20.81
N TYR B 370 24.85 13.47 -19.90
CA TYR B 370 24.91 12.04 -20.18
C TYR B 370 24.10 11.70 -21.43
N LEU B 371 22.86 12.16 -21.49
CA LEU B 371 22.02 11.91 -22.67
C LEU B 371 22.58 12.58 -23.91
N SER B 372 23.24 13.73 -23.74
CA SER B 372 23.80 14.46 -24.89
C SER B 372 24.67 13.55 -25.75
N GLY B 373 25.43 12.66 -25.14
CA GLY B 373 26.24 11.72 -25.87
C GLY B 373 25.65 10.32 -25.93
N LEU B 374 24.38 10.23 -26.31
CA LEU B 374 23.67 8.96 -26.41
C LEU B 374 23.12 8.78 -27.81
N ASP B 375 23.20 7.55 -28.32
CA ASP B 375 22.75 7.24 -29.68
C ASP B 375 21.47 6.42 -29.63
N PRO B 376 20.35 6.95 -30.12
CA PRO B 376 19.08 6.19 -30.06
C PRO B 376 18.99 5.09 -31.12
N THR B 377 20.06 4.32 -31.28
CA THR B 377 20.10 3.22 -32.23
C THR B 377 20.77 2.00 -31.62
N GLN B 378 22.06 2.14 -31.30
CA GLN B 378 23.40 2.07 -30.76
C GLN B 378 23.32 1.87 -29.25
N ASP B 379 22.68 2.82 -28.54
CA ASP B 379 22.47 2.72 -27.10
C ASP B 379 21.02 3.04 -26.79
N PRO B 380 20.08 2.20 -27.23
CA PRO B 380 18.66 2.55 -27.04
C PRO B 380 18.18 2.37 -25.62
N ILE B 381 18.59 1.31 -24.93
CA ILE B 381 18.16 1.09 -23.54
C ILE B 381 18.55 2.26 -22.64
N PRO B 382 19.81 2.70 -22.59
CA PRO B 382 20.13 3.88 -21.77
C PRO B 382 19.54 5.17 -22.29
N PHE B 383 19.24 5.25 -23.60
CA PHE B 383 18.68 6.48 -24.17
C PHE B 383 17.25 6.70 -23.71
N ILE B 384 16.42 5.65 -23.77
CA ILE B 384 15.01 5.81 -23.43
C ILE B 384 14.84 5.97 -21.92
N TRP B 385 15.68 5.32 -21.12
CA TRP B 385 15.54 5.40 -19.67
C TRP B 385 16.18 6.65 -19.08
N THR B 386 16.96 7.39 -19.87
CA THR B 386 17.44 8.70 -19.45
C THR B 386 16.44 9.80 -19.77
N ASN B 387 15.70 9.67 -20.87
CA ASN B 387 14.56 10.53 -21.11
C ASN B 387 13.47 10.30 -20.07
N TYR B 388 13.27 9.04 -19.67
CA TYR B 388 12.29 8.73 -18.63
C TYR B 388 12.67 9.37 -17.31
N TYR B 389 13.96 9.40 -16.99
CA TYR B 389 14.42 10.11 -15.80
C TYR B 389 14.15 11.61 -15.94
N LEU B 390 14.60 12.21 -17.04
CA LEU B 390 14.49 13.65 -17.20
C LEU B 390 13.04 14.12 -17.22
N SER B 391 12.14 13.28 -17.73
CA SER B 391 10.72 13.63 -17.69
C SER B 391 10.23 13.76 -16.25
N GLN B 392 10.62 12.81 -15.39
CA GLN B 392 10.26 12.92 -13.98
C GLN B 392 10.99 14.06 -13.29
N HIS B 393 12.23 14.33 -13.70
CA HIS B 393 12.98 15.42 -13.09
C HIS B 393 12.27 16.76 -13.28
N PHE B 394 11.72 16.99 -14.47
CA PHE B 394 11.03 18.24 -14.74
C PHE B 394 9.59 18.21 -14.21
N LEU B 395 8.94 17.04 -14.20
CA LEU B 395 7.61 16.95 -13.62
C LEU B 395 7.63 17.29 -12.13
N PHE B 396 8.67 16.84 -11.42
CA PHE B 396 8.79 17.19 -10.01
C PHE B 396 9.05 18.68 -9.84
N LEU B 397 9.74 19.31 -10.78
CA LEU B 397 9.97 20.75 -10.76
C LEU B 397 8.80 21.53 -11.33
N LYS B 398 7.69 20.85 -11.63
CA LYS B 398 6.49 21.47 -12.20
C LYS B 398 6.80 22.18 -13.52
N ASP B 399 7.83 21.71 -14.22
CA ASP B 399 8.14 22.17 -15.57
C ASP B 399 7.46 21.24 -16.58
N PHE B 400 6.14 21.36 -16.63
CA PHE B 400 5.34 20.44 -17.44
C PHE B 400 5.69 20.47 -18.93
N PRO B 401 6.00 21.61 -19.57
CA PRO B 401 6.41 21.55 -20.98
C PRO B 401 7.60 20.63 -21.24
N LYS B 402 8.68 20.79 -20.48
CA LYS B 402 9.82 19.89 -20.63
C LYS B 402 9.48 18.47 -20.19
N ALA B 403 8.60 18.35 -19.18
CA ALA B 403 8.22 17.02 -18.70
C ALA B 403 7.56 16.22 -19.81
N GLN B 404 6.67 16.85 -20.58
CA GLN B 404 6.14 16.18 -21.77
C GLN B 404 7.19 16.06 -22.86
N GLU B 405 8.15 16.99 -22.89
CA GLU B 405 9.14 16.98 -23.97
C GLU B 405 10.02 15.75 -23.92
N TYR B 406 10.37 15.29 -22.72
CA TYR B 406 11.28 14.15 -22.60
C TYR B 406 10.56 12.80 -22.54
N ILE B 407 9.29 12.77 -22.16
CA ILE B 407 8.56 11.51 -22.20
C ILE B 407 8.07 11.21 -23.62
N ASP B 408 7.80 12.24 -24.42
CA ASP B 408 7.33 12.02 -25.79
C ASP B 408 8.38 11.27 -26.62
N ALA B 409 9.64 11.70 -26.53
CA ALA B 409 10.71 11.04 -27.26
C ALA B 409 10.81 9.58 -26.87
N ALA B 410 10.94 9.29 -25.57
CA ALA B 410 11.01 7.91 -25.11
C ALA B 410 9.81 7.10 -25.59
N LEU B 411 8.64 7.74 -25.67
CA LEU B 411 7.43 7.04 -26.11
C LEU B 411 7.47 6.78 -27.60
N ASP B 412 7.61 7.82 -28.42
CA ASP B 412 7.63 7.60 -29.87
C ASP B 412 8.85 6.81 -30.30
N HIS B 413 9.93 6.83 -29.51
CA HIS B 413 11.07 5.95 -29.75
C HIS B 413 10.76 4.51 -29.36
N THR B 414 10.19 4.31 -28.17
CA THR B 414 9.86 2.98 -27.67
C THR B 414 8.46 3.00 -27.08
N PRO B 415 7.44 2.79 -27.90
CA PRO B 415 6.06 2.81 -27.39
C PRO B 415 5.61 1.44 -26.90
N THR B 416 6.57 0.63 -26.44
CA THR B 416 6.29 -0.74 -26.04
C THR B 416 6.51 -1.00 -24.55
N LEU B 417 6.93 0.00 -23.78
CA LEU B 417 7.15 -0.16 -22.36
C LEU B 417 6.09 0.64 -21.60
N VAL B 418 5.28 -0.07 -20.83
CA VAL B 418 4.11 0.52 -20.18
C VAL B 418 4.47 1.62 -19.20
N GLU B 419 5.72 1.63 -18.70
CA GLU B 419 6.14 2.70 -17.80
C GLU B 419 5.99 4.06 -18.45
N PHE B 420 6.38 4.17 -19.73
CA PHE B 420 6.28 5.44 -20.44
C PHE B 420 4.84 5.95 -20.49
N TYR B 421 3.87 5.03 -20.46
CA TYR B 421 2.47 5.44 -20.53
C TYR B 421 1.98 5.98 -19.20
N ILE B 422 2.37 5.35 -18.09
CA ILE B 422 1.96 5.83 -16.77
C ILE B 422 2.47 7.25 -16.54
N LEU B 423 3.73 7.51 -16.91
CA LEU B 423 4.30 8.84 -16.71
C LEU B 423 3.61 9.88 -17.59
N LYS B 424 3.33 9.54 -18.85
CA LYS B 424 2.59 10.46 -19.70
C LYS B 424 1.18 10.69 -19.16
N ALA B 425 0.54 9.64 -18.65
CA ALA B 425 -0.77 9.81 -18.04
C ALA B 425 -0.66 10.55 -16.71
N ARG B 426 0.48 10.46 -16.05
CA ARG B 426 0.68 11.17 -14.78
C ARG B 426 0.81 12.67 -15.02
N ILE B 427 1.46 13.07 -16.11
CA ILE B 427 1.58 14.49 -16.43
C ILE B 427 0.24 15.05 -16.87
N LEU B 428 -0.57 14.25 -17.56
CA LEU B 428 -1.87 14.74 -18.01
C LEU B 428 -2.83 14.95 -16.84
N LYS B 429 -2.73 14.11 -15.82
CA LYS B 429 -3.56 14.34 -14.64
C LYS B 429 -3.10 15.57 -13.86
N HIS B 430 -1.82 15.93 -13.95
CA HIS B 430 -1.39 17.19 -13.34
C HIS B 430 -1.89 18.38 -14.13
N LEU B 431 -2.14 18.20 -15.43
CA LEU B 431 -2.64 19.28 -16.28
C LEU B 431 -4.15 19.43 -16.20
N GLY B 432 -4.87 18.49 -15.60
CA GLY B 432 -6.30 18.57 -15.48
C GLY B 432 -7.09 17.75 -16.47
N LEU B 433 -6.43 16.89 -17.25
CA LEU B 433 -7.11 16.09 -18.27
C LEU B 433 -7.25 14.65 -17.77
N MET B 434 -8.17 14.48 -16.82
CA MET B 434 -8.39 13.17 -16.22
C MET B 434 -8.82 12.15 -17.26
N ASP B 435 -9.76 12.52 -18.13
CA ASP B 435 -10.26 11.58 -19.12
C ASP B 435 -9.20 11.24 -20.17
N THR B 436 -8.30 12.18 -20.46
CA THR B 436 -7.20 11.89 -21.37
C THR B 436 -6.18 10.98 -20.69
N ALA B 437 -5.76 11.35 -19.48
CA ALA B 437 -4.83 10.52 -18.72
C ALA B 437 -5.33 9.09 -18.57
N ALA B 438 -6.63 8.93 -18.28
CA ALA B 438 -7.20 7.60 -18.21
C ALA B 438 -7.11 6.88 -19.55
N GLY B 439 -7.29 7.60 -20.65
CA GLY B 439 -7.14 6.99 -21.96
C GLY B 439 -5.71 6.56 -22.24
N ILE B 440 -4.73 7.38 -21.83
CA ILE B 440 -3.33 7.02 -22.04
C ILE B 440 -2.99 5.75 -21.27
N LEU B 441 -3.61 5.56 -20.10
CA LEU B 441 -3.33 4.37 -19.30
C LEU B 441 -4.02 3.13 -19.86
N GLU B 442 -5.23 3.27 -20.45
CA GLU B 442 -5.88 2.11 -21.05
C GLU B 442 -5.13 1.64 -22.28
N GLU B 443 -4.41 2.53 -22.95
CA GLU B 443 -3.48 2.09 -23.98
C GLU B 443 -2.37 1.23 -23.39
N GLY B 444 -1.80 1.67 -22.27
CA GLY B 444 -0.72 0.91 -21.65
C GLY B 444 -1.14 -0.48 -21.20
N ARG B 445 -2.36 -0.61 -20.66
CA ARG B 445 -2.81 -1.91 -20.21
C ARG B 445 -3.20 -2.81 -21.39
N GLN B 446 -3.55 -2.22 -22.54
CA GLN B 446 -3.78 -3.04 -23.73
C GLN B 446 -2.53 -3.76 -24.18
N LEU B 447 -1.34 -3.23 -23.85
CA LEU B 447 -0.09 -3.92 -24.21
C LEU B 447 -0.01 -5.29 -23.55
N ASP B 448 -0.48 -5.41 -22.31
CA ASP B 448 -0.45 -6.69 -21.59
C ASP B 448 -1.64 -6.73 -20.65
N LEU B 449 -2.62 -7.58 -20.96
CA LEU B 449 -3.79 -7.74 -20.12
C LEU B 449 -3.54 -8.63 -18.91
N GLN B 450 -2.37 -9.25 -18.80
CA GLN B 450 -2.05 -10.05 -17.63
C GLN B 450 -1.42 -9.25 -16.52
N ASP B 451 -0.87 -8.08 -16.82
CA ASP B 451 -0.24 -7.25 -15.79
C ASP B 451 -1.28 -6.78 -14.78
N ARG B 452 -1.27 -7.39 -13.59
CA ARG B 452 -2.20 -6.98 -12.55
C ARG B 452 -1.88 -5.59 -11.99
N PHE B 453 -0.64 -5.12 -12.17
CA PHE B 453 -0.25 -3.82 -11.66
C PHE B 453 -0.78 -2.68 -12.53
N ILE B 454 -0.70 -2.84 -13.86
CA ILE B 454 -1.19 -1.80 -14.75
C ILE B 454 -2.70 -1.71 -14.69
N ASN B 455 -3.37 -2.85 -14.53
CA ASN B 455 -4.83 -2.85 -14.37
C ASN B 455 -5.25 -1.98 -13.20
N CYS B 456 -4.63 -2.20 -12.03
CA CYS B 456 -4.98 -1.42 -10.84
C CYS B 456 -4.70 0.06 -11.04
N LYS B 457 -3.53 0.40 -11.61
CA LYS B 457 -3.25 1.80 -11.93
C LYS B 457 -4.26 2.34 -12.95
N THR B 458 -4.69 1.50 -13.89
CA THR B 458 -5.70 1.92 -14.85
C THR B 458 -7.06 2.08 -14.19
N VAL B 459 -7.45 1.12 -13.35
CA VAL B 459 -8.69 1.23 -12.59
C VAL B 459 -8.70 2.50 -11.76
N LYS B 460 -7.54 2.87 -11.21
CA LYS B 460 -7.44 4.09 -10.42
C LYS B 460 -7.74 5.32 -11.26
N TYR B 461 -7.13 5.40 -12.45
CA TYR B 461 -7.30 6.58 -13.29
C TYR B 461 -8.74 6.70 -13.82
N PHE B 462 -9.39 5.57 -14.09
CA PHE B 462 -10.78 5.63 -14.51
C PHE B 462 -11.70 6.05 -13.38
N LEU B 463 -11.38 5.65 -12.14
CA LEU B 463 -12.15 6.12 -11.00
C LEU B 463 -11.89 7.60 -10.72
N ARG B 464 -10.68 8.08 -10.99
CA ARG B 464 -10.37 9.48 -10.74
C ARG B 464 -11.02 10.38 -11.77
N ALA B 465 -11.29 9.86 -12.97
CA ALA B 465 -12.02 10.61 -13.99
C ALA B 465 -13.52 10.43 -13.88
N ASN B 466 -13.99 9.83 -12.79
CA ASN B 466 -15.40 9.55 -12.51
C ASN B 466 -16.00 8.52 -13.46
N ASN B 467 -15.16 7.79 -14.20
CA ASN B 467 -15.64 6.71 -15.06
C ASN B 467 -15.74 5.42 -14.24
N ILE B 468 -16.76 5.39 -13.39
CA ILE B 468 -16.95 4.26 -12.50
C ILE B 468 -17.33 3.00 -13.27
N ASP B 469 -17.95 3.17 -14.45
CA ASP B 469 -18.37 2.00 -15.22
C ASP B 469 -17.18 1.32 -15.88
N LYS B 470 -16.29 2.09 -16.51
CA LYS B 470 -15.06 1.49 -17.03
C LYS B 470 -14.20 0.95 -15.91
N ALA B 471 -14.13 1.67 -14.79
CA ALA B 471 -13.29 1.24 -13.68
C ALA B 471 -13.76 -0.09 -13.11
N VAL B 472 -15.06 -0.21 -12.84
CA VAL B 472 -15.59 -1.44 -12.23
C VAL B 472 -15.28 -2.65 -13.09
N GLU B 473 -15.35 -2.50 -14.41
CA GLU B 473 -15.22 -3.64 -15.30
C GLU B 473 -13.79 -3.91 -15.75
N VAL B 474 -12.90 -2.92 -15.70
CA VAL B 474 -11.47 -3.21 -15.84
C VAL B 474 -11.01 -4.03 -14.64
N ALA B 475 -11.49 -3.68 -13.44
CA ALA B 475 -11.13 -4.41 -12.24
C ALA B 475 -11.73 -5.82 -12.21
N SER B 476 -12.83 -6.05 -12.91
CA SER B 476 -13.49 -7.35 -12.88
C SER B 476 -12.73 -8.41 -13.67
N LEU B 477 -11.68 -8.03 -14.40
CA LEU B 477 -10.88 -9.01 -15.13
C LEU B 477 -9.97 -9.81 -14.22
N PHE B 478 -9.73 -9.34 -12.98
CA PHE B 478 -8.87 -10.04 -12.03
C PHE B 478 -9.62 -10.47 -10.78
N THR B 479 -10.93 -10.26 -10.73
CA THR B 479 -11.72 -10.64 -9.56
C THR B 479 -12.33 -12.03 -9.75
N LYS B 480 -12.77 -12.61 -8.64
CA LYS B 480 -13.42 -13.93 -8.62
C LYS B 480 -14.93 -13.70 -8.58
N ASN B 481 -15.52 -13.57 -9.77
CA ASN B 481 -16.93 -13.22 -9.88
C ASN B 481 -17.83 -14.42 -9.60
N ASP B 482 -17.70 -15.48 -10.39
CA ASP B 482 -18.46 -16.73 -10.23
C ASP B 482 -19.95 -16.49 -10.43
N ASP B 483 -20.81 -16.87 -9.48
CA ASP B 483 -22.25 -16.63 -9.61
C ASP B 483 -22.62 -15.20 -9.26
N SER B 484 -21.98 -14.24 -9.94
CA SER B 484 -22.25 -12.82 -9.76
C SER B 484 -22.15 -12.17 -11.14
N VAL B 485 -22.18 -10.83 -11.18
CA VAL B 485 -22.08 -10.08 -12.43
C VAL B 485 -20.72 -9.41 -12.59
N ASN B 486 -20.35 -8.53 -11.65
CA ASN B 486 -19.05 -7.89 -11.68
C ASN B 486 -18.23 -8.30 -10.46
N GLY B 487 -17.23 -7.50 -10.09
CA GLY B 487 -16.35 -7.87 -9.00
C GLY B 487 -16.43 -6.97 -7.78
N ILE B 488 -17.56 -6.29 -7.58
CA ILE B 488 -17.69 -5.40 -6.44
C ILE B 488 -17.79 -6.20 -5.14
N LYS B 489 -18.49 -7.33 -5.17
CA LYS B 489 -18.60 -8.16 -3.97
C LYS B 489 -17.29 -8.88 -3.67
N ASP B 490 -16.52 -9.22 -4.71
CA ASP B 490 -15.22 -9.86 -4.48
C ASP B 490 -14.21 -8.85 -3.93
N LEU B 491 -14.25 -7.60 -4.40
CA LEU B 491 -13.33 -6.59 -3.91
C LEU B 491 -13.58 -6.27 -2.44
N HIS B 492 -14.83 -6.42 -1.98
CA HIS B 492 -15.11 -6.26 -0.55
C HIS B 492 -14.66 -7.46 0.26
N LEU B 493 -14.64 -8.64 -0.37
CA LEU B 493 -14.24 -9.85 0.35
C LEU B 493 -12.75 -9.84 0.68
N VAL B 494 -11.92 -9.38 -0.26
CA VAL B 494 -10.47 -9.39 -0.09
C VAL B 494 -10.02 -8.11 0.57
N GLU B 495 -10.97 -7.32 1.07
CA GLU B 495 -10.67 -6.09 1.83
C GLU B 495 -9.85 -5.10 1.00
N ALA B 496 -10.19 -4.98 -0.29
CA ALA B 496 -9.45 -4.11 -1.21
C ALA B 496 -9.82 -2.65 -0.93
N SER B 497 -9.22 -2.10 0.12
CA SER B 497 -9.47 -0.71 0.49
C SER B 497 -8.97 0.28 -0.55
N TRP B 498 -7.97 -0.11 -1.36
CA TRP B 498 -7.47 0.80 -2.39
C TRP B 498 -8.55 1.14 -3.42
N PHE B 499 -9.46 0.19 -3.67
CA PHE B 499 -10.52 0.40 -4.65
C PHE B 499 -11.73 1.09 -4.05
N ILE B 500 -12.18 0.63 -2.88
CA ILE B 500 -13.45 1.12 -2.34
C ILE B 500 -13.33 2.57 -1.86
N VAL B 501 -12.14 3.00 -1.42
CA VAL B 501 -11.97 4.41 -1.07
C VAL B 501 -11.95 5.27 -2.33
N GLU B 502 -11.20 4.84 -3.35
CA GLU B 502 -11.15 5.61 -4.59
C GLU B 502 -12.51 5.65 -5.27
N GLN B 503 -13.29 4.57 -5.16
CA GLN B 503 -14.62 4.55 -5.76
C GLN B 503 -15.61 5.38 -4.96
N ALA B 504 -15.47 5.39 -3.63
CA ALA B 504 -16.34 6.22 -2.81
C ALA B 504 -16.09 7.70 -3.05
N GLU B 505 -14.81 8.09 -3.19
CA GLU B 505 -14.51 9.48 -3.51
C GLU B 505 -15.00 9.84 -4.90
N ALA B 506 -14.99 8.88 -5.84
CA ALA B 506 -15.52 9.13 -7.16
C ALA B 506 -17.04 9.31 -7.12
N TYR B 507 -17.73 8.50 -6.32
CA TYR B 507 -19.16 8.66 -6.16
C TYR B 507 -19.52 10.01 -5.56
N TYR B 508 -18.70 10.50 -4.62
CA TYR B 508 -18.96 11.81 -4.03
C TYR B 508 -18.75 12.92 -5.06
N ARG B 509 -17.78 12.74 -5.96
CA ARG B 509 -17.61 13.70 -7.05
C ARG B 509 -18.79 13.63 -8.01
N LEU B 510 -19.23 12.42 -8.37
CA LEU B 510 -20.37 12.26 -9.27
C LEU B 510 -21.65 12.79 -8.63
N TYR B 511 -21.78 12.69 -7.30
CA TYR B 511 -22.96 13.21 -6.63
C TYR B 511 -23.00 14.74 -6.70
N LEU B 512 -21.86 15.39 -6.54
CA LEU B 512 -21.82 16.85 -6.59
C LEU B 512 -22.04 17.37 -8.00
N ASP B 513 -21.62 16.59 -9.00
CA ASP B 513 -21.73 16.96 -10.44
C ASP B 513 -23.19 16.85 -10.89
N ARG B 514 -23.85 15.77 -10.54
CA ARG B 514 -25.26 15.61 -10.87
C ARG B 514 -26.14 16.50 -9.99
N LYS B 515 -25.64 16.94 -8.83
CA LYS B 515 -26.38 17.86 -7.99
C LYS B 515 -26.49 19.23 -8.66
N LYS B 516 -25.37 19.75 -9.16
CA LYS B 516 -25.40 21.01 -9.90
C LYS B 516 -26.21 20.88 -11.18
N LYS B 517 -26.17 19.71 -11.83
CA LYS B 517 -27.00 19.49 -12.99
C LYS B 517 -28.48 19.48 -12.65
N LEU B 518 -28.83 19.24 -11.39
CA LEU B 518 -30.23 19.28 -10.95
C LEU B 518 -30.69 20.69 -10.67
N ASP B 519 -29.85 21.48 -9.99
CA ASP B 519 -30.20 22.86 -9.68
C ASP B 519 -30.23 23.71 -10.93
N ASP B 520 -29.19 23.61 -11.76
CA ASP B 520 -29.07 24.46 -12.95
C ASP B 520 -29.99 24.03 -14.09
N LEU B 521 -30.63 22.86 -14.01
CA LEU B 521 -31.69 22.53 -14.96
C LEU B 521 -33.09 22.75 -14.40
N GLU B 522 -33.30 22.56 -13.10
CA GLU B 522 -34.57 22.94 -12.49
C GLU B 522 -34.86 24.42 -12.71
N SER B 523 -33.81 25.23 -12.87
CA SER B 523 -33.98 26.62 -13.26
C SER B 523 -34.36 26.73 -14.73
N LEU B 524 -35.58 26.30 -15.07
CA LEU B 524 -36.11 26.36 -16.43
C LEU B 524 -35.14 25.84 -17.48
N GLU B 534 -42.97 18.59 -19.70
CA GLU B 534 -42.81 17.41 -20.53
C GLU B 534 -41.61 16.57 -20.06
N GLN B 535 -40.78 16.15 -21.02
CA GLN B 535 -39.62 15.34 -20.69
C GLN B 535 -38.66 16.09 -19.77
N ILE B 536 -38.60 17.41 -19.88
CA ILE B 536 -37.72 18.23 -19.04
C ILE B 536 -38.16 18.15 -17.58
N ALA B 537 -39.11 17.26 -17.30
CA ALA B 537 -39.55 16.96 -15.94
C ALA B 537 -39.33 15.50 -15.57
N ASN B 538 -39.70 14.54 -16.42
CA ASN B 538 -39.34 13.17 -16.04
C ASN B 538 -37.83 12.96 -16.15
N ASP B 539 -37.15 13.75 -16.96
CA ASP B 539 -35.69 13.76 -16.94
C ASP B 539 -35.17 14.31 -15.62
N ILE B 540 -35.93 15.21 -14.98
CA ILE B 540 -35.54 15.66 -13.64
C ILE B 540 -35.73 14.52 -12.64
N LYS B 541 -36.78 13.70 -12.82
CA LYS B 541 -36.99 12.56 -11.94
C LYS B 541 -35.88 11.51 -12.08
N GLU B 542 -35.19 11.47 -13.23
CA GLU B 542 -34.06 10.57 -13.38
C GLU B 542 -32.82 11.12 -12.68
N ASN B 543 -32.57 12.42 -12.81
CA ASN B 543 -31.44 13.02 -12.11
C ASN B 543 -31.71 13.18 -10.62
N GLN B 544 -32.96 13.42 -10.23
CA GLN B 544 -33.33 13.47 -8.82
C GLN B 544 -32.95 12.17 -8.12
N TRP B 545 -32.91 11.06 -8.86
CA TRP B 545 -32.55 9.75 -8.32
C TRP B 545 -31.06 9.49 -8.39
N LEU B 546 -30.39 9.95 -9.46
CA LEU B 546 -28.95 9.75 -9.58
C LEU B 546 -28.19 10.46 -8.47
N VAL B 547 -28.69 11.62 -8.01
CA VAL B 547 -28.03 12.33 -6.92
C VAL B 547 -28.20 11.57 -5.62
N ARG B 548 -29.40 11.05 -5.36
CA ARG B 548 -29.62 10.22 -4.18
C ARG B 548 -28.88 8.89 -4.29
N LYS B 549 -28.66 8.41 -5.52
CA LYS B 549 -28.02 7.12 -5.71
C LYS B 549 -26.50 7.22 -5.51
N TYR B 550 -25.88 8.27 -6.05
CA TYR B 550 -24.44 8.43 -5.89
C TYR B 550 -24.07 8.83 -4.47
N LYS B 551 -24.91 9.64 -3.82
CA LYS B 551 -24.66 10.01 -2.43
C LYS B 551 -24.71 8.79 -1.52
N GLY B 552 -25.62 7.85 -1.80
CA GLY B 552 -25.72 6.68 -0.95
C GLY B 552 -24.56 5.71 -1.15
N LEU B 553 -24.20 5.45 -2.41
CA LEU B 553 -23.07 4.58 -2.69
C LEU B 553 -21.77 5.20 -2.19
N ALA B 554 -21.60 6.51 -2.38
CA ALA B 554 -20.43 7.20 -1.83
C ALA B 554 -20.33 6.97 -0.33
N LEU B 555 -21.46 7.04 0.38
CA LEU B 555 -21.46 6.82 1.81
C LEU B 555 -21.44 5.34 2.17
N LYS B 556 -22.01 4.48 1.31
CA LYS B 556 -21.99 3.05 1.60
C LYS B 556 -20.62 2.45 1.38
N ARG B 557 -19.84 3.00 0.45
CA ARG B 557 -18.49 2.53 0.24
C ARG B 557 -17.55 3.04 1.33
N PHE B 558 -17.74 4.29 1.76
CA PHE B 558 -16.94 4.82 2.86
C PHE B 558 -17.15 4.00 4.13
N ASN B 559 -18.40 3.62 4.41
CA ASN B 559 -18.70 2.81 5.58
C ASN B 559 -18.17 1.39 5.46
N ALA B 560 -17.69 0.99 4.27
CA ALA B 560 -17.10 -0.33 4.13
C ALA B 560 -15.71 -0.42 4.74
N ILE B 561 -15.08 0.72 5.04
CA ILE B 561 -13.71 0.73 5.55
C ILE B 561 -13.72 0.42 7.05
N PRO B 562 -14.52 1.10 7.89
CA PRO B 562 -14.57 0.69 9.30
C PRO B 562 -15.01 -0.75 9.48
N LYS B 563 -15.75 -1.32 8.54
CA LYS B 563 -16.08 -2.74 8.63
C LYS B 563 -14.82 -3.60 8.51
N PHE B 564 -13.87 -3.17 7.68
CA PHE B 564 -12.61 -3.91 7.55
C PHE B 564 -11.78 -3.80 8.82
N TYR B 565 -11.63 -2.59 9.35
CA TYR B 565 -10.68 -2.37 10.43
C TYR B 565 -11.21 -2.83 11.79
N LYS B 566 -12.54 -2.95 11.96
CA LYS B 566 -13.05 -3.67 13.12
C LYS B 566 -12.85 -5.17 12.98
N GLN B 567 -12.83 -5.68 11.75
CA GLN B 567 -12.47 -7.08 11.54
C GLN B 567 -11.00 -7.30 11.89
N PHE B 568 -10.12 -6.37 11.51
CA PHE B 568 -8.73 -6.45 11.92
C PHE B 568 -8.60 -6.45 13.44
N GLU B 569 -9.53 -5.79 14.13
CA GLU B 569 -9.52 -5.79 15.60
C GLU B 569 -10.12 -7.08 16.16
N ASP B 570 -11.06 -7.70 15.46
CA ASP B 570 -11.56 -9.00 15.90
C ASP B 570 -10.63 -10.13 15.51
N ASP B 571 -9.77 -9.91 14.51
CA ASP B 571 -8.87 -10.97 14.04
C ASP B 571 -7.79 -11.30 15.06
N GLN B 572 -7.54 -10.43 16.03
CA GLN B 572 -6.55 -10.71 17.06
C GLN B 572 -7.11 -11.54 18.20
N LEU B 573 -8.37 -11.99 18.11
CA LEU B 573 -8.97 -12.77 19.18
C LEU B 573 -8.24 -14.09 19.39
N ASP B 574 -8.04 -14.85 18.31
CA ASP B 574 -7.44 -16.18 18.43
C ASP B 574 -5.99 -16.14 18.90
N PHE B 575 -5.31 -15.00 18.76
CA PHE B 575 -3.89 -14.92 19.08
C PHE B 575 -3.63 -14.70 20.56
N HIS B 576 -4.66 -14.44 21.37
CA HIS B 576 -4.47 -14.35 22.82
C HIS B 576 -4.14 -15.70 23.42
N SER B 577 -4.52 -16.80 22.77
CA SER B 577 -4.14 -18.14 23.18
C SER B 577 -3.07 -18.74 22.28
N TYR B 578 -3.12 -18.43 20.97
CA TYR B 578 -2.22 -19.07 20.02
C TYR B 578 -0.78 -18.59 20.21
N CYS B 579 -0.58 -17.28 20.32
CA CYS B 579 0.77 -16.74 20.51
C CYS B 579 1.44 -17.34 21.74
N MET B 580 0.66 -17.75 22.74
CA MET B 580 1.24 -18.34 23.93
C MET B 580 1.71 -19.78 23.67
N ARG B 581 0.89 -20.57 22.98
CA ARG B 581 1.27 -21.95 22.68
C ARG B 581 2.37 -22.01 21.64
N LYS B 582 2.41 -21.05 20.71
CA LYS B 582 3.49 -20.96 19.75
C LYS B 582 4.76 -20.38 20.37
N GLY B 583 4.64 -19.76 21.54
CA GLY B 583 5.80 -19.19 22.21
C GLY B 583 6.35 -17.96 21.52
N THR B 584 5.48 -17.00 21.18
CA THR B 584 5.87 -15.73 20.59
C THR B 584 5.26 -14.59 21.39
N PRO B 585 5.71 -14.39 22.63
CA PRO B 585 5.13 -13.31 23.44
C PRO B 585 5.57 -11.93 23.01
N ARG B 586 6.80 -11.79 22.53
CA ARG B 586 7.27 -10.47 22.08
C ARG B 586 6.50 -10.00 20.86
N ALA B 587 6.30 -10.88 19.88
CA ALA B 587 5.50 -10.52 18.71
C ALA B 587 4.03 -10.35 19.06
N TYR B 588 3.56 -10.97 20.15
CA TYR B 588 2.17 -10.80 20.57
C TYR B 588 1.96 -9.41 21.17
N LEU B 589 2.93 -8.90 21.93
CA LEU B 589 2.82 -7.57 22.48
C LEU B 589 2.82 -6.51 21.38
N GLU B 590 3.53 -6.76 20.28
CA GLU B 590 3.46 -5.86 19.14
C GLU B 590 2.08 -5.89 18.48
N MET B 591 1.33 -6.97 18.66
CA MET B 591 -0.01 -7.05 18.12
C MET B 591 -1.01 -6.25 18.94
N LEU B 592 -0.83 -6.19 20.26
CA LEU B 592 -1.71 -5.37 21.09
C LEU B 592 -1.52 -3.90 20.78
N GLU B 593 -0.28 -3.46 20.55
CA GLU B 593 -0.04 -2.09 20.12
C GLU B 593 -0.63 -1.82 18.74
N TRP B 594 -0.55 -2.82 17.87
CA TRP B 594 -1.10 -2.70 16.52
C TRP B 594 -2.62 -2.56 16.55
N GLY B 595 -3.27 -3.30 17.46
CA GLY B 595 -4.72 -3.21 17.56
C GLY B 595 -5.20 -1.90 18.16
N LYS B 596 -4.36 -1.25 18.96
CA LYS B 596 -4.68 0.05 19.54
C LYS B 596 -4.37 1.20 18.59
N ALA B 597 -3.97 0.91 17.36
CA ALA B 597 -3.71 1.93 16.35
C ALA B 597 -4.49 1.68 15.07
N LEU B 598 -5.38 0.68 15.04
CA LEU B 598 -6.05 0.30 13.81
C LEU B 598 -6.88 1.45 13.25
N TYR B 599 -7.54 2.21 14.13
CA TYR B 599 -8.40 3.30 13.71
C TYR B 599 -7.63 4.60 13.51
N THR B 600 -6.30 4.52 13.41
CA THR B 600 -5.47 5.67 13.08
C THR B 600 -4.64 5.46 11.82
N LYS B 601 -4.83 4.34 11.13
CA LYS B 601 -4.08 4.05 9.93
C LYS B 601 -4.54 4.94 8.78
N PRO B 602 -3.70 5.11 7.74
CA PRO B 602 -4.04 6.08 6.69
C PRO B 602 -5.34 5.78 5.96
N MET B 603 -5.61 4.52 5.64
CA MET B 603 -6.82 4.19 4.89
C MET B 603 -8.08 4.43 5.72
N TYR B 604 -8.02 4.19 7.03
CA TYR B 604 -9.19 4.42 7.87
C TYR B 604 -9.48 5.90 8.01
N VAL B 605 -8.45 6.71 8.26
CA VAL B 605 -8.68 8.14 8.46
C VAL B 605 -9.00 8.82 7.13
N ARG B 606 -8.52 8.27 6.01
CA ARG B 606 -8.88 8.83 4.71
C ARG B 606 -10.37 8.67 4.44
N ALA B 607 -10.93 7.49 4.77
CA ALA B 607 -12.36 7.31 4.63
C ALA B 607 -13.13 8.17 5.63
N MET B 608 -12.63 8.27 6.86
CA MET B 608 -13.29 9.10 7.87
C MET B 608 -13.31 10.56 7.46
N LYS B 609 -12.14 11.10 7.08
CA LYS B 609 -12.07 12.51 6.70
C LYS B 609 -12.93 12.79 5.48
N GLU B 610 -12.92 11.90 4.49
CA GLU B 610 -13.71 12.11 3.29
C GLU B 610 -15.20 11.96 3.56
N ALA B 611 -15.57 11.01 4.43
CA ALA B 611 -16.98 10.82 4.75
C ALA B 611 -17.55 11.94 5.60
N SER B 612 -16.69 12.68 6.31
CA SER B 612 -17.19 13.78 7.14
C SER B 612 -17.86 14.85 6.30
N LYS B 613 -17.42 15.01 5.05
CA LYS B 613 -18.06 16.00 4.17
C LYS B 613 -19.53 15.69 3.97
N LEU B 614 -19.88 14.40 3.89
CA LEU B 614 -21.28 14.04 3.71
C LEU B 614 -22.07 14.19 5.00
N TYR B 615 -21.54 13.67 6.11
CA TYR B 615 -22.25 13.75 7.39
C TYR B 615 -22.40 15.19 7.83
N PHE B 616 -21.32 15.97 7.77
CA PHE B 616 -21.39 17.38 8.18
C PHE B 616 -22.39 18.14 7.33
N GLN B 617 -22.43 17.86 6.02
CA GLN B 617 -23.42 18.50 5.16
C GLN B 617 -24.83 18.11 5.55
N MET B 618 -25.07 16.81 5.78
CA MET B 618 -26.40 16.33 6.10
C MET B 618 -26.95 17.00 7.36
N HIS B 619 -26.06 17.37 8.28
CA HIS B 619 -26.49 18.16 9.44
C HIS B 619 -26.70 19.62 9.07
N ASP B 620 -25.81 20.18 8.24
CA ASP B 620 -25.92 21.59 7.88
C ASP B 620 -27.15 21.83 7.02
N ASP B 621 -27.50 20.89 6.15
CA ASP B 621 -28.74 21.00 5.38
C ASP B 621 -29.96 20.65 6.20
N ARG B 622 -29.78 19.90 7.30
CA ARG B 622 -30.88 19.64 8.22
C ARG B 622 -31.36 20.91 8.91
N LEU B 623 -30.51 21.95 8.89
CA LEU B 623 -30.75 23.25 9.58
C LEU B 623 -31.96 24.14 9.31
N LYS B 624 -32.28 24.21 8.01
CA LYS B 624 -33.45 24.87 7.39
C LYS B 624 -34.15 23.76 6.59
N ARG B 625 -34.93 22.93 7.29
CA ARG B 625 -35.71 21.77 6.75
C ARG B 625 -35.26 20.65 5.79
N LYS B 626 -33.96 20.51 5.55
CA LYS B 626 -33.44 19.44 4.64
C LYS B 626 -32.02 20.03 4.66
N GLU B 654 -48.71 3.44 -12.48
CA GLU B 654 -48.02 4.60 -13.05
C GLU B 654 -47.33 5.41 -11.96
N ALA B 655 -46.70 4.72 -11.02
CA ALA B 655 -45.99 5.37 -9.93
C ALA B 655 -44.60 4.76 -9.74
N ALA B 656 -44.54 3.43 -9.62
CA ALA B 656 -43.28 2.72 -9.43
C ALA B 656 -43.20 1.60 -10.48
N ALA B 657 -43.02 2.00 -11.73
CA ALA B 657 -42.89 1.05 -12.84
C ALA B 657 -41.50 1.10 -13.48
N MET B 658 -40.53 1.69 -12.79
CA MET B 658 -39.16 1.74 -13.25
C MET B 658 -38.22 0.93 -12.38
N ASN B 659 -38.73 0.27 -11.33
CA ASN B 659 -37.86 -0.46 -10.41
C ASN B 659 -36.97 -1.45 -11.13
N LYS B 660 -37.39 -1.94 -12.30
CA LYS B 660 -36.51 -2.78 -13.09
C LYS B 660 -35.20 -2.08 -13.41
N ARG B 661 -35.24 -0.75 -13.62
CA ARG B 661 -34.00 -0.01 -13.72
C ARG B 661 -33.23 -0.06 -12.40
N LYS B 662 -33.94 0.10 -11.27
CA LYS B 662 -33.30 0.08 -9.95
C LYS B 662 -32.96 -1.34 -9.51
N GLU B 663 -33.88 -2.30 -9.72
CA GLU B 663 -33.64 -3.67 -9.28
C GLU B 663 -32.51 -4.32 -10.08
N THR B 664 -32.38 -3.99 -11.36
CA THR B 664 -31.31 -4.58 -12.17
C THR B 664 -29.98 -3.87 -11.92
N GLU B 665 -30.01 -2.55 -11.70
CA GLU B 665 -28.80 -1.82 -11.38
C GLU B 665 -28.34 -2.10 -9.95
N ALA B 666 -29.25 -2.50 -9.06
CA ALA B 666 -28.87 -2.94 -7.74
C ALA B 666 -28.06 -4.23 -7.77
N LYS B 667 -28.15 -4.99 -8.88
CA LYS B 667 -27.36 -6.20 -9.02
C LYS B 667 -25.90 -5.91 -9.35
N SER B 668 -25.60 -4.72 -9.86
CA SER B 668 -24.23 -4.35 -10.24
C SER B 668 -23.53 -3.49 -9.20
N VAL B 669 -24.26 -2.98 -8.21
CA VAL B 669 -23.66 -2.18 -7.15
C VAL B 669 -23.67 -2.90 -5.81
N ALA B 670 -24.15 -4.14 -5.77
CA ALA B 670 -24.19 -4.89 -4.51
C ALA B 670 -22.78 -5.15 -4.00
N ALA B 671 -22.60 -4.97 -2.70
CA ALA B 671 -21.31 -5.14 -2.05
C ALA B 671 -21.24 -6.38 -1.17
N TYR B 672 -22.30 -6.67 -0.42
CA TYR B 672 -22.36 -7.80 0.48
C TYR B 672 -23.45 -8.77 0.04
N PRO B 673 -23.38 -10.04 0.47
CA PRO B 673 -24.41 -11.00 0.07
C PRO B 673 -25.81 -10.52 0.44
N SER B 674 -26.77 -10.86 -0.42
CA SER B 674 -28.16 -10.44 -0.21
C SER B 674 -28.68 -10.90 1.15
N ASP B 675 -28.22 -12.05 1.62
CA ASP B 675 -28.53 -12.58 2.95
C ASP B 675 -27.94 -11.73 4.08
N GLN B 676 -27.30 -10.60 3.76
CA GLN B 676 -26.63 -9.78 4.77
C GLN B 676 -26.86 -8.28 4.61
N ASP B 677 -27.30 -7.79 3.45
CA ASP B 677 -27.48 -6.36 3.22
C ASP B 677 -28.75 -6.13 2.42
N ASN B 678 -29.60 -5.22 2.92
CA ASN B 678 -30.80 -4.81 2.21
C ASN B 678 -30.74 -3.37 1.71
N ASP B 679 -29.86 -2.55 2.26
CA ASP B 679 -29.69 -1.17 1.82
C ASP B 679 -28.56 -1.10 0.80
N VAL B 680 -28.83 -1.66 -0.37
CA VAL B 680 -27.81 -1.78 -1.41
C VAL B 680 -27.38 -0.40 -1.91
N PHE B 681 -28.29 0.57 -1.92
CA PHE B 681 -27.98 1.90 -2.41
C PHE B 681 -27.68 2.89 -1.29
N GLY B 682 -27.47 2.40 -0.07
CA GLY B 682 -27.30 3.31 1.05
C GLY B 682 -28.45 4.25 1.28
N GLU B 683 -29.65 3.88 0.82
CA GLU B 683 -30.81 4.76 0.92
C GLU B 683 -31.08 5.15 2.36
N LYS B 684 -30.92 4.20 3.29
CA LYS B 684 -31.11 4.49 4.70
C LYS B 684 -29.95 5.26 5.31
N LEU B 685 -28.81 5.33 4.62
CA LEU B 685 -27.67 6.08 5.15
C LEU B 685 -27.83 7.58 4.92
N ILE B 686 -28.40 7.96 3.78
CA ILE B 686 -28.52 9.38 3.46
C ILE B 686 -29.79 10.01 4.04
N GLU B 687 -30.83 9.21 4.30
CA GLU B 687 -32.06 9.70 4.89
C GLU B 687 -32.06 9.64 6.41
N THR B 688 -30.89 9.62 7.04
CA THR B 688 -30.82 9.51 8.49
C THR B 688 -31.27 10.81 9.15
N SER B 689 -31.79 10.68 10.36
CA SER B 689 -32.23 11.81 11.15
C SER B 689 -31.21 12.20 12.22
N THR B 690 -30.11 11.47 12.35
CA THR B 690 -29.06 11.78 13.32
C THR B 690 -27.70 11.69 12.64
N PRO B 691 -27.45 12.53 11.62
CA PRO B 691 -26.20 12.40 10.85
C PRO B 691 -24.93 12.52 11.68
N MET B 692 -24.94 13.36 12.72
CA MET B 692 -23.73 13.54 13.52
C MET B 692 -23.43 12.31 14.36
N GLU B 693 -24.46 11.67 14.92
CA GLU B 693 -24.24 10.47 15.71
C GLU B 693 -23.93 9.25 14.86
N ASP B 694 -24.30 9.27 13.57
CA ASP B 694 -23.89 8.17 12.69
C ASP B 694 -22.41 8.25 12.37
N PHE B 695 -21.93 9.45 12.01
CA PHE B 695 -20.51 9.64 11.76
C PHE B 695 -19.67 9.36 13.01
N ALA B 696 -20.23 9.60 14.18
CA ALA B 696 -19.48 9.39 15.42
C ALA B 696 -19.30 7.91 15.73
N THR B 697 -20.38 7.13 15.64
CA THR B 697 -20.33 5.72 16.00
C THR B 697 -19.86 4.82 14.87
N GLU B 698 -19.60 5.37 13.67
CA GLU B 698 -19.06 4.56 12.58
C GLU B 698 -17.64 4.91 12.19
N PHE B 699 -17.16 6.11 12.49
CA PHE B 699 -15.82 6.52 12.11
C PHE B 699 -15.06 7.17 13.27
N TYR B 700 -15.66 8.21 13.85
CA TYR B 700 -14.91 9.16 14.67
C TYR B 700 -14.57 8.61 16.04
N ASN B 701 -15.56 8.07 16.76
CA ASN B 701 -15.34 7.64 18.14
C ASN B 701 -14.15 6.71 18.25
N ASN B 702 -14.08 5.69 17.38
CA ASN B 702 -12.97 4.75 17.43
C ASN B 702 -11.65 5.41 17.05
N TYR B 703 -11.69 6.41 16.18
CA TYR B 703 -10.47 7.12 15.81
C TYR B 703 -10.03 8.06 16.93
N SER B 704 -10.95 8.89 17.43
CA SER B 704 -10.60 9.89 18.43
C SER B 704 -10.03 9.23 19.68
N MET B 705 -10.59 8.09 20.07
CA MET B 705 -10.16 7.42 21.30
C MET B 705 -8.75 6.84 21.15
N GLN B 706 -8.32 6.54 19.93
CA GLN B 706 -7.02 5.92 19.71
C GLN B 706 -5.95 6.90 19.23
N VAL B 707 -6.34 7.99 18.55
CA VAL B 707 -5.35 8.90 18.00
C VAL B 707 -4.60 9.60 19.13
N ARG B 708 -3.36 9.98 18.86
CA ARG B 708 -2.51 10.68 19.81
C ARG B 708 -2.36 12.14 19.38
N GLU B 709 -2.02 12.98 20.36
CA GLU B 709 -1.90 14.42 20.12
C GLU B 709 -0.94 14.71 18.97
N ASP B 710 0.11 13.92 18.84
CA ASP B 710 1.11 14.10 17.80
C ASP B 710 0.48 14.17 16.42
N GLU B 711 -0.45 13.26 16.13
CA GLU B 711 -1.05 13.13 14.80
C GLU B 711 -2.56 13.34 14.84
N ARG B 712 -3.04 14.19 15.73
CA ARG B 712 -4.47 14.46 15.84
C ARG B 712 -4.88 15.58 14.89
N ASP B 713 -5.97 15.36 14.16
CA ASP B 713 -6.50 16.35 13.23
C ASP B 713 -7.37 17.34 14.01
N TYR B 714 -6.85 18.56 14.19
CA TYR B 714 -7.55 19.53 15.01
C TYR B 714 -8.62 20.30 14.23
N ILE B 715 -8.44 20.44 12.91
CA ILE B 715 -9.47 21.08 12.10
C ILE B 715 -10.72 20.19 12.03
N LEU B 716 -10.51 18.88 11.88
CA LEU B 716 -11.63 17.95 11.93
C LEU B 716 -12.31 17.98 13.30
N ASP B 717 -11.52 18.13 14.36
CA ASP B 717 -12.07 18.22 15.71
C ASP B 717 -12.98 19.44 15.85
N PHE B 718 -12.49 20.60 15.40
CA PHE B 718 -13.29 21.82 15.43
C PHE B 718 -14.59 21.64 14.67
N GLU B 719 -14.50 21.17 13.42
CA GLU B 719 -15.69 21.04 12.57
C GLU B 719 -16.69 20.04 13.12
N PHE B 720 -16.25 19.07 13.94
CA PHE B 720 -17.18 18.09 14.49
C PHE B 720 -17.89 18.63 15.73
N ASN B 721 -17.14 19.18 16.69
CA ASN B 721 -17.75 19.67 17.91
C ASN B 721 -18.59 20.92 17.66
N TYR B 722 -18.29 21.67 16.61
CA TYR B 722 -19.10 22.83 16.26
C TYR B 722 -20.52 22.41 15.88
N ARG B 723 -20.66 21.26 15.23
CA ARG B 723 -21.96 20.78 14.78
C ARG B 723 -22.68 19.93 15.84
N ILE B 724 -22.09 19.76 17.02
CA ILE B 724 -22.74 19.05 18.12
C ILE B 724 -22.85 19.90 19.37
N GLY B 725 -22.34 21.13 19.36
CA GLY B 725 -22.54 22.08 20.43
C GLY B 725 -21.31 22.34 21.29
N LYS B 726 -20.44 21.34 21.46
CA LYS B 726 -19.30 21.48 22.35
C LYS B 726 -18.37 22.59 21.90
N LEU B 727 -18.70 23.84 22.24
CA LEU B 727 -17.80 24.95 21.93
C LEU B 727 -16.55 24.89 22.77
N ALA B 728 -16.65 24.38 24.01
CA ALA B 728 -15.50 24.22 24.87
C ALA B 728 -14.50 23.19 24.35
N LEU B 729 -14.86 22.41 23.34
CA LEU B 729 -13.92 21.57 22.62
C LEU B 729 -13.46 22.20 21.32
N CYS B 730 -14.13 23.25 20.84
CA CYS B 730 -13.73 23.91 19.60
C CYS B 730 -12.53 24.83 19.83
N PHE B 731 -12.59 25.67 20.87
CA PHE B 731 -11.42 26.46 21.25
C PHE B 731 -10.27 25.55 21.68
N ALA B 732 -10.60 24.38 22.24
CA ALA B 732 -9.57 23.43 22.62
C ALA B 732 -8.77 22.96 21.40
N SER B 733 -9.47 22.49 20.37
CA SER B 733 -8.80 22.15 19.12
C SER B 733 -8.06 23.34 18.55
N LEU B 734 -8.71 24.51 18.55
CA LEU B 734 -8.07 25.71 18.02
C LEU B 734 -6.87 26.11 18.87
N ASN B 735 -6.95 25.93 20.18
CA ASN B 735 -5.80 26.17 21.04
C ASN B 735 -4.69 25.14 20.79
N LYS B 736 -5.08 23.87 20.70
CA LYS B 736 -4.09 22.82 20.42
C LYS B 736 -3.52 22.98 19.01
N PHE B 737 -4.38 23.25 18.03
CA PHE B 737 -3.89 23.62 16.70
C PHE B 737 -2.98 24.83 16.78
N ALA B 738 -3.20 25.71 17.75
CA ALA B 738 -2.38 26.91 17.88
C ALA B 738 -1.04 26.60 18.51
N LYS B 739 -1.05 25.79 19.57
CA LYS B 739 0.20 25.39 20.26
C LYS B 739 1.24 25.26 19.16
N ARG B 740 0.92 24.37 18.21
CA ARG B 740 1.78 23.91 17.09
C ARG B 740 2.11 24.63 15.79
N PHE B 741 1.10 24.84 14.95
CA PHE B 741 1.08 25.80 13.82
C PHE B 741 1.00 27.22 14.38
N GLY B 742 1.88 28.09 13.87
CA GLY B 742 1.93 29.49 14.35
C GLY B 742 0.65 30.26 14.12
N THR B 743 0.36 31.20 15.03
CA THR B 743 -0.81 32.07 14.90
C THR B 743 -0.83 32.81 13.57
N THR B 744 0.14 32.55 12.70
CA THR B 744 0.22 33.18 11.39
C THR B 744 -0.51 32.39 10.31
N SER B 745 -0.91 31.16 10.58
CA SER B 745 -1.63 30.36 9.61
C SER B 745 -3.00 30.97 9.32
N GLY B 746 -3.38 30.96 8.04
CA GLY B 746 -4.70 31.45 7.67
C GLY B 746 -5.83 30.52 8.06
N LEU B 747 -5.52 29.24 8.32
CA LEU B 747 -6.53 28.32 8.82
C LEU B 747 -6.88 28.63 10.26
N PHE B 748 -5.86 28.89 11.09
CA PHE B 748 -6.08 29.31 12.47
C PHE B 748 -7.02 30.50 12.54
N GLY B 749 -6.68 31.56 11.79
CA GLY B 749 -7.49 32.76 11.82
C GLY B 749 -8.94 32.51 11.44
N SER B 750 -9.16 31.65 10.45
CA SER B 750 -10.53 31.32 10.05
C SER B 750 -11.26 30.57 11.14
N MET B 751 -10.58 29.60 11.80
CA MET B 751 -11.22 28.86 12.88
C MET B 751 -11.61 29.78 14.03
N ALA B 752 -10.73 30.73 14.38
CA ALA B 752 -11.05 31.67 15.45
C ALA B 752 -12.22 32.57 15.06
N ILE B 753 -12.22 33.10 13.83
CA ILE B 753 -13.30 33.98 13.40
C ILE B 753 -14.63 33.24 13.43
N VAL B 754 -14.66 31.98 13.00
CA VAL B 754 -15.90 31.21 13.03
C VAL B 754 -16.31 30.94 14.47
N LEU B 755 -15.35 30.59 15.33
CA LEU B 755 -15.67 30.34 16.74
C LEU B 755 -16.03 31.63 17.46
N LEU B 756 -15.24 32.69 17.25
CA LEU B 756 -15.51 33.98 17.88
C LEU B 756 -16.89 34.49 17.50
N HIS B 757 -17.37 34.17 16.30
CA HIS B 757 -18.71 34.55 15.91
C HIS B 757 -19.79 33.73 16.60
N ALA B 758 -19.46 32.52 17.04
CA ALA B 758 -20.42 31.71 17.80
C ALA B 758 -20.59 32.21 19.23
N THR B 759 -19.72 33.10 19.70
CA THR B 759 -19.85 33.71 21.02
C THR B 759 -20.73 34.95 21.00
N ARG B 760 -21.70 35.02 20.09
CA ARG B 760 -22.69 36.09 20.05
C ARG B 760 -23.98 35.61 20.70
N ASN B 761 -24.82 36.59 21.08
CA ASN B 761 -26.05 36.28 21.78
C ASN B 761 -27.16 35.78 20.87
N ASP B 762 -27.04 35.96 19.57
CA ASP B 762 -28.03 35.48 18.62
C ASP B 762 -27.70 34.10 18.06
N THR B 763 -26.58 33.50 18.47
CA THR B 763 -26.17 32.20 17.97
C THR B 763 -26.85 31.08 18.75
N PRO B 764 -27.11 29.93 18.10
CA PRO B 764 -27.83 28.82 18.77
C PRO B 764 -26.90 27.87 19.51
N PHE B 765 -26.26 28.38 20.57
CA PHE B 765 -25.38 27.58 21.40
C PHE B 765 -25.74 27.79 22.86
N ASP B 766 -25.22 26.93 23.73
CA ASP B 766 -25.45 27.04 25.16
C ASP B 766 -24.80 28.32 25.67
N PRO B 767 -25.56 29.23 26.30
CA PRO B 767 -24.95 30.48 26.78
C PRO B 767 -23.85 30.28 27.80
N ILE B 768 -23.81 29.14 28.49
CA ILE B 768 -22.70 28.88 29.42
C ILE B 768 -21.42 28.66 28.65
N LEU B 769 -21.44 27.78 27.64
CA LEU B 769 -20.27 27.57 26.80
C LEU B 769 -19.85 28.87 26.11
N LYS B 770 -20.84 29.65 25.65
CA LYS B 770 -20.55 30.95 25.04
C LYS B 770 -19.73 31.82 25.97
N LYS B 771 -20.13 31.88 27.25
CA LYS B 771 -19.38 32.68 28.23
C LYS B 771 -17.99 32.12 28.45
N VAL B 772 -17.87 30.79 28.50
CA VAL B 772 -16.56 30.16 28.73
C VAL B 772 -15.64 30.41 27.55
N VAL B 773 -16.15 30.20 26.32
CA VAL B 773 -15.32 30.39 25.13
C VAL B 773 -14.91 31.84 24.99
N THR B 774 -15.77 32.78 25.37
CA THR B 774 -15.39 34.18 25.33
C THR B 774 -14.23 34.46 26.26
N LYS B 775 -14.33 34.01 27.52
CA LYS B 775 -13.22 34.16 28.47
C LYS B 775 -11.93 33.56 27.92
N SER B 776 -12.01 32.31 27.43
CA SER B 776 -10.84 31.65 26.89
C SER B 776 -10.25 32.41 25.72
N LEU B 777 -11.11 33.04 24.90
CA LEU B 777 -10.62 33.82 23.77
C LEU B 777 -9.87 35.06 24.23
N GLU B 778 -10.34 35.70 25.31
CA GLU B 778 -9.63 36.85 25.86
C GLU B 778 -8.31 36.43 26.49
N LYS B 779 -8.30 35.26 27.17
CA LYS B 779 -7.17 34.91 28.03
C LYS B 779 -5.90 34.73 27.23
N GLU B 780 -5.98 34.17 26.03
CA GLU B 780 -4.80 33.86 25.24
C GLU B 780 -4.79 34.44 23.83
N TYR B 781 -5.88 35.06 23.37
CA TYR B 781 -5.93 35.60 22.02
C TYR B 781 -6.50 37.00 21.98
N SER B 782 -6.38 37.74 23.08
CA SER B 782 -6.81 39.14 23.07
C SER B 782 -5.94 39.99 22.15
N GLU B 783 -4.67 39.62 22.00
CA GLU B 783 -3.75 40.32 21.10
C GLU B 783 -3.69 39.67 19.72
N ASN B 784 -4.83 39.29 19.16
CA ASN B 784 -4.84 38.61 17.87
C ASN B 784 -6.03 39.04 17.02
N PHE B 785 -7.19 39.18 17.65
CA PHE B 785 -8.41 39.58 16.97
C PHE B 785 -9.13 40.65 17.77
N PRO B 786 -9.84 41.56 17.10
CA PRO B 786 -10.68 42.52 17.83
C PRO B 786 -11.91 41.84 18.41
N LEU B 787 -11.74 41.13 19.53
CA LEU B 787 -12.85 40.40 20.12
C LEU B 787 -14.02 41.31 20.45
N ASN B 788 -13.75 42.55 20.85
CA ASN B 788 -14.81 43.50 21.20
C ASN B 788 -15.73 43.81 20.03
N GLU B 789 -15.26 43.61 18.79
CA GLU B 789 -16.02 43.98 17.60
C GLU B 789 -16.82 42.80 17.03
N ILE B 790 -17.01 41.74 17.82
CA ILE B 790 -17.93 40.70 17.38
C ILE B 790 -19.37 41.17 17.53
N SER B 791 -19.62 42.09 18.47
CA SER B 791 -20.94 42.67 18.63
C SER B 791 -21.22 43.74 17.58
N ASN B 792 -20.18 44.43 17.12
CA ASN B 792 -20.32 45.42 16.04
C ASN B 792 -20.73 44.72 14.76
N ASN B 793 -21.99 44.92 14.36
CA ASN B 793 -22.51 44.31 13.14
C ASN B 793 -22.00 44.97 11.87
N SER B 794 -21.25 46.07 11.98
CA SER B 794 -20.72 46.78 10.83
C SER B 794 -19.23 46.55 10.61
N PHE B 795 -18.60 45.71 11.42
CA PHE B 795 -17.19 45.39 11.24
C PHE B 795 -17.03 44.38 10.11
N ASP B 796 -16.14 44.69 9.17
CA ASP B 796 -15.90 43.80 8.02
C ASP B 796 -14.75 42.87 8.38
N TRP B 797 -15.07 41.62 8.67
CA TRP B 797 -14.04 40.66 9.09
C TRP B 797 -13.20 40.21 7.90
N LEU B 798 -13.79 40.16 6.70
CA LEU B 798 -13.00 39.84 5.51
C LEU B 798 -11.83 40.81 5.36
N ASN B 799 -12.08 42.11 5.55
CA ASN B 799 -10.98 43.06 5.46
C ASN B 799 -9.95 42.84 6.56
N PHE B 800 -10.40 42.41 7.75
CA PHE B 800 -9.45 42.09 8.81
C PHE B 800 -8.59 40.89 8.40
N TYR B 801 -9.22 39.84 7.90
CA TYR B 801 -8.48 38.68 7.41
C TYR B 801 -7.48 39.09 6.32
N GLN B 802 -7.95 39.87 5.34
CA GLN B 802 -7.10 40.33 4.25
C GLN B 802 -5.81 40.96 4.76
N GLU B 803 -5.92 41.86 5.74
CA GLU B 803 -4.75 42.55 6.25
C GLU B 803 -3.96 41.74 7.27
N LYS B 804 -4.59 40.74 7.90
CA LYS B 804 -3.92 39.93 8.91
C LYS B 804 -3.34 38.63 8.37
N PHE B 805 -3.99 38.01 7.38
CA PHE B 805 -3.53 36.75 6.82
C PHE B 805 -3.36 36.78 5.31
N GLY B 806 -3.56 37.94 4.67
CA GLY B 806 -3.41 38.04 3.24
C GLY B 806 -4.59 37.45 2.48
N LYS B 807 -4.53 37.59 1.16
CA LYS B 807 -5.48 36.98 0.25
C LYS B 807 -4.90 35.77 -0.45
N ASN B 808 -3.84 35.18 0.11
CA ASN B 808 -3.12 34.08 -0.52
C ASN B 808 -3.34 32.73 0.16
N ASP B 809 -3.73 32.72 1.43
CA ASP B 809 -3.89 31.47 2.19
C ASP B 809 -5.17 30.77 1.74
N ILE B 810 -5.06 30.05 0.62
CA ILE B 810 -6.22 29.43 -0.03
C ILE B 810 -7.03 28.62 0.97
N ASN B 811 -6.35 27.79 1.77
CA ASN B 811 -7.06 26.91 2.70
C ASN B 811 -7.81 27.70 3.76
N GLY B 812 -7.24 28.81 4.22
CA GLY B 812 -7.91 29.61 5.23
C GLY B 812 -9.12 30.35 4.68
N LEU B 813 -9.03 30.81 3.43
CA LEU B 813 -10.18 31.45 2.80
C LEU B 813 -11.29 30.44 2.56
N LEU B 814 -10.93 29.21 2.18
CA LEU B 814 -11.94 28.19 1.93
C LEU B 814 -12.64 27.76 3.21
N PHE B 815 -11.96 27.83 4.36
CA PHE B 815 -12.59 27.45 5.62
C PHE B 815 -13.71 28.42 5.98
N LEU B 816 -13.47 29.72 5.84
CA LEU B 816 -14.52 30.72 6.01
C LEU B 816 -15.67 30.49 5.06
N TYR B 817 -15.36 30.32 3.77
CA TYR B 817 -16.39 30.10 2.78
C TYR B 817 -17.24 28.87 3.09
N ARG B 818 -16.70 27.93 3.87
CA ARG B 818 -17.50 26.79 4.31
C ARG B 818 -18.58 27.21 5.29
N TYR B 819 -18.27 28.19 6.15
CA TYR B 819 -19.16 28.63 7.22
C TYR B 819 -19.78 29.99 6.91
N ARG B 820 -20.09 30.24 5.63
CA ARG B 820 -20.64 31.53 5.24
C ARG B 820 -22.06 31.72 5.74
N ASP B 821 -22.82 30.63 5.91
CA ASP B 821 -24.19 30.75 6.41
C ASP B 821 -24.20 31.15 7.88
N ASP B 822 -23.29 30.60 8.67
CA ASP B 822 -23.21 30.97 10.09
C ASP B 822 -22.44 32.27 10.28
N VAL B 823 -21.43 32.53 9.45
CA VAL B 823 -20.61 33.73 9.57
C VAL B 823 -20.62 34.46 8.23
N PRO B 824 -21.67 35.21 7.90
CA PRO B 824 -21.66 36.00 6.66
C PRO B 824 -20.71 37.17 6.77
N ILE B 825 -19.75 37.25 5.85
CA ILE B 825 -18.76 38.32 5.83
C ILE B 825 -18.56 38.79 4.40
N GLY B 826 -19.55 38.59 3.56
CA GLY B 826 -19.44 38.93 2.15
C GLY B 826 -19.09 37.73 1.29
N SER B 827 -20.04 36.81 1.14
CA SER B 827 -19.79 35.58 0.40
C SER B 827 -19.38 35.88 -1.03
N SER B 828 -20.06 36.84 -1.67
CA SER B 828 -19.71 37.20 -3.04
C SER B 828 -18.29 37.72 -3.14
N ASN B 829 -17.89 38.57 -2.21
CA ASN B 829 -16.52 39.08 -2.20
C ASN B 829 -15.52 37.99 -1.82
N LEU B 830 -15.92 37.07 -0.94
CA LEU B 830 -15.03 35.99 -0.55
C LEU B 830 -14.79 35.02 -1.71
N LYS B 831 -15.86 34.67 -2.42
CA LYS B 831 -15.74 33.75 -3.56
C LYS B 831 -14.76 34.28 -4.60
N GLU B 832 -14.87 35.56 -4.93
CA GLU B 832 -14.01 36.13 -5.96
C GLU B 832 -12.55 36.15 -5.52
N MET B 833 -12.31 36.45 -4.24
CA MET B 833 -10.94 36.49 -3.75
C MET B 833 -10.31 35.10 -3.70
N ILE B 834 -11.12 34.07 -3.45
CA ILE B 834 -10.62 32.70 -3.53
C ILE B 834 -10.20 32.37 -4.96
N ILE B 835 -11.01 32.80 -5.93
CA ILE B 835 -10.72 32.49 -7.33
C ILE B 835 -9.43 33.16 -7.78
N SER B 836 -9.18 34.38 -7.30
CA SER B 836 -7.98 35.10 -7.70
C SER B 836 -6.72 34.56 -7.05
N SER B 837 -6.86 33.76 -5.99
CA SER B 837 -5.70 33.13 -5.34
C SER B 837 -5.36 31.78 -5.94
N LEU B 838 -6.13 31.31 -6.93
CA LEU B 838 -5.88 30.03 -7.55
C LEU B 838 -4.80 30.08 -8.62
N SER B 839 -4.31 31.28 -8.96
CA SER B 839 -3.31 31.39 -10.02
C SER B 839 -2.03 30.58 -9.77
N PRO B 840 -1.45 30.52 -8.57
CA PRO B 840 -0.22 29.75 -8.40
C PRO B 840 -0.40 28.24 -8.36
N LEU B 841 -1.62 27.75 -8.17
CA LEU B 841 -1.84 26.31 -8.13
C LEU B 841 -1.79 25.72 -9.54
N GLU B 842 -1.52 24.42 -9.59
CA GLU B 842 -1.49 23.72 -10.87
C GLU B 842 -2.92 23.49 -11.36
N PRO B 843 -3.09 23.29 -12.67
CA PRO B 843 -4.46 23.20 -13.23
C PRO B 843 -5.32 22.12 -12.59
N HIS B 844 -4.71 21.02 -12.14
CA HIS B 844 -5.49 19.98 -11.49
C HIS B 844 -6.10 20.47 -10.18
N SER B 845 -5.31 21.19 -9.37
CA SER B 845 -5.81 21.69 -8.09
C SER B 845 -6.78 22.84 -8.29
N GLN B 846 -6.60 23.64 -9.34
CA GLN B 846 -7.54 24.74 -9.61
C GLN B 846 -8.89 24.20 -10.03
N ASN B 847 -8.91 23.25 -10.95
CA ASN B 847 -10.17 22.71 -11.46
C ASN B 847 -11.02 22.13 -10.33
N GLU B 848 -10.40 21.30 -9.48
CA GLU B 848 -11.15 20.66 -8.41
C GLU B 848 -11.65 21.67 -7.38
N ILE B 849 -10.90 22.74 -7.15
CA ILE B 849 -11.35 23.77 -6.21
C ILE B 849 -12.55 24.51 -6.78
N LEU B 850 -12.56 24.74 -8.10
CA LEU B 850 -13.68 25.43 -8.74
C LEU B 850 -14.87 24.51 -8.94
N GLN B 851 -14.63 23.24 -9.28
CA GLN B 851 -15.72 22.33 -9.61
C GLN B 851 -16.39 21.72 -8.39
N TYR B 852 -15.69 21.62 -7.26
CA TYR B 852 -16.25 20.92 -6.11
C TYR B 852 -16.26 21.77 -4.85
N TYR B 853 -15.14 22.44 -4.55
CA TYR B 853 -15.04 23.21 -3.32
C TYR B 853 -15.83 24.50 -3.36
N LEU B 854 -16.29 24.94 -4.53
CA LEU B 854 -17.09 26.14 -4.66
C LEU B 854 -18.45 25.83 -5.28
N PRO C 2 16.28 5.97 -2.13
CA PRO C 2 16.79 4.60 -2.26
C PRO C 2 15.79 3.58 -1.76
N ILE C 3 16.20 2.32 -1.65
CA ILE C 3 15.34 1.24 -1.18
C ILE C 3 15.96 0.63 0.06
N ASN C 4 15.17 0.58 1.14
CA ASN C 4 15.59 -0.02 2.39
C ASN C 4 15.04 -1.44 2.49
N ILE C 5 15.81 -2.31 3.14
CA ILE C 5 15.43 -3.71 3.32
C ILE C 5 15.61 -4.07 4.78
N ARG C 6 14.51 -4.44 5.43
CA ARG C 6 14.51 -4.74 6.86
C ARG C 6 13.53 -5.87 7.14
N ARG C 7 13.55 -6.35 8.38
CA ARG C 7 12.60 -7.38 8.78
C ARG C 7 11.18 -6.83 8.81
N ALA C 8 10.21 -7.73 8.67
CA ALA C 8 8.81 -7.34 8.64
C ALA C 8 8.22 -7.38 10.04
N THR C 9 7.32 -6.44 10.32
CA THR C 9 6.60 -6.37 11.58
C THR C 9 5.11 -6.39 11.32
N ILE C 10 4.33 -6.47 12.40
CA ILE C 10 2.88 -6.45 12.27
C ILE C 10 2.41 -5.13 11.67
N ASN C 11 3.12 -4.03 11.98
CA ASN C 11 2.81 -2.73 11.40
C ASN C 11 3.13 -2.65 9.91
N ASP C 12 3.56 -3.75 9.29
CA ASP C 12 3.84 -3.79 7.85
C ASP C 12 2.80 -4.57 7.07
N ILE C 13 1.94 -5.35 7.72
CA ILE C 13 1.14 -6.32 6.98
C ILE C 13 -0.04 -5.65 6.28
N ILE C 14 -0.58 -4.55 6.83
CA ILE C 14 -1.66 -3.86 6.14
C ILE C 14 -1.20 -3.39 4.76
N CYS C 15 -0.05 -2.70 4.72
CA CYS C 15 0.52 -2.31 3.43
C CYS C 15 0.96 -3.53 2.62
N MET C 16 1.32 -4.63 3.29
CA MET C 16 1.68 -5.85 2.57
C MET C 16 0.48 -6.39 1.79
N GLN C 17 -0.68 -6.45 2.44
CA GLN C 17 -1.90 -6.89 1.76
C GLN C 17 -2.15 -6.07 0.50
N ASN C 18 -2.02 -4.75 0.62
CA ASN C 18 -2.19 -3.88 -0.53
C ASN C 18 -1.21 -4.23 -1.65
N ALA C 19 0.07 -4.42 -1.29
CA ALA C 19 1.07 -4.80 -2.28
C ALA C 19 0.69 -6.10 -2.97
N ASN C 20 0.14 -7.05 -2.22
CA ASN C 20 -0.27 -8.32 -2.82
C ASN C 20 -1.52 -8.16 -3.67
N LEU C 21 -2.41 -7.24 -3.29
CA LEU C 21 -3.64 -7.03 -4.06
C LEU C 21 -3.39 -6.31 -5.37
N HIS C 22 -2.23 -5.67 -5.53
CA HIS C 22 -1.91 -4.95 -6.76
C HIS C 22 -0.96 -5.73 -7.67
N ASN C 23 -0.56 -6.95 -7.28
CA ASN C 23 0.52 -7.62 -7.98
C ASN C 23 0.28 -9.12 -8.17
N LEU C 24 -0.11 -9.79 -7.10
CA LEU C 24 -0.17 -11.25 -7.16
C LEU C 24 -1.60 -11.74 -7.33
N PRO C 25 -1.80 -12.93 -7.92
CA PRO C 25 -3.16 -13.43 -8.12
C PRO C 25 -3.75 -14.12 -6.91
N GLU C 26 -2.94 -14.60 -5.97
CA GLU C 26 -3.44 -15.24 -4.76
C GLU C 26 -3.52 -14.19 -3.66
N ASN C 27 -4.75 -13.90 -3.20
CA ASN C 27 -4.99 -12.88 -2.20
C ASN C 27 -5.37 -13.52 -0.87
N TYR C 28 -4.94 -12.89 0.22
CA TYR C 28 -5.15 -13.42 1.57
C TYR C 28 -5.84 -12.37 2.44
N MET C 29 -6.54 -12.85 3.45
CA MET C 29 -7.16 -11.98 4.43
C MET C 29 -6.11 -11.47 5.41
N MET C 30 -6.44 -10.35 6.07
CA MET C 30 -5.54 -9.80 7.08
C MET C 30 -5.24 -10.82 8.17
N LYS C 31 -6.22 -11.67 8.49
CA LYS C 31 -5.99 -12.71 9.50
C LYS C 31 -4.88 -13.66 9.09
N TYR C 32 -4.67 -13.85 7.79
CA TYR C 32 -3.62 -14.76 7.33
C TYR C 32 -2.25 -14.14 7.46
N TYR C 33 -2.11 -12.83 7.22
CA TYR C 33 -0.84 -12.17 7.44
C TYR C 33 -0.49 -12.14 8.92
N MET C 34 -1.48 -11.92 9.79
CA MET C 34 -1.23 -11.98 11.22
C MET C 34 -0.75 -13.36 11.64
N TYR C 35 -1.34 -14.41 11.07
CA TYR C 35 -0.91 -15.77 11.40
C TYR C 35 0.52 -16.03 10.95
N HIS C 36 0.99 -15.30 9.94
CA HIS C 36 2.38 -15.42 9.50
C HIS C 36 3.32 -14.64 10.42
N ILE C 37 3.04 -13.36 10.63
CA ILE C 37 3.97 -12.48 11.32
C ILE C 37 3.98 -12.70 12.83
N LEU C 38 2.98 -13.39 13.38
CA LEU C 38 2.94 -13.69 14.80
C LEU C 38 3.34 -15.12 15.11
N SER C 39 3.44 -15.99 14.09
CA SER C 39 3.97 -17.33 14.29
C SER C 39 5.47 -17.38 14.00
N TRP C 40 5.93 -16.66 12.99
CA TRP C 40 7.33 -16.63 12.58
C TRP C 40 7.76 -15.18 12.43
N PRO C 41 7.94 -14.47 13.55
CA PRO C 41 8.17 -13.03 13.49
C PRO C 41 9.59 -12.60 13.15
N GLU C 42 10.46 -13.53 12.74
CA GLU C 42 11.81 -13.18 12.32
C GLU C 42 12.12 -13.63 10.89
N ALA C 43 11.13 -14.15 10.18
CA ALA C 43 11.35 -14.75 8.86
C ALA C 43 11.00 -13.82 7.70
N SER C 44 9.91 -13.07 7.79
CA SER C 44 9.47 -12.24 6.68
C SER C 44 10.30 -10.96 6.61
N PHE C 45 10.52 -10.50 5.38
CA PHE C 45 11.28 -9.28 5.12
C PHE C 45 10.54 -8.42 4.11
N VAL C 46 10.75 -7.10 4.21
CA VAL C 46 10.10 -6.15 3.32
C VAL C 46 11.14 -5.20 2.75
N ALA C 47 10.80 -4.63 1.60
CA ALA C 47 11.62 -3.63 0.92
C ALA C 47 10.81 -2.36 0.78
N THR C 48 11.33 -1.27 1.34
CA THR C 48 10.62 0.00 1.39
C THR C 48 11.54 1.12 0.89
N THR C 49 10.94 2.29 0.65
CA THR C 49 11.71 3.48 0.34
C THR C 49 12.10 4.20 1.63
N THR C 50 12.91 5.25 1.49
CA THR C 50 13.41 5.99 2.64
C THR C 50 13.51 7.46 2.29
N THR C 51 13.49 8.30 3.34
CA THR C 51 13.64 9.75 3.21
C THR C 51 14.50 10.21 4.39
N LEU C 52 15.82 10.09 4.22
CA LEU C 52 16.75 10.46 5.28
C LEU C 52 16.81 11.97 5.43
N ASP C 53 17.07 12.41 6.66
CA ASP C 53 17.15 13.83 6.95
C ASP C 53 18.48 14.40 6.44
N CYS C 54 18.42 15.62 5.89
CA CYS C 54 19.59 16.26 5.32
C CYS C 54 20.08 17.42 6.17
N ASP C 75 13.94 18.91 5.47
CA ASP C 75 13.03 19.21 6.57
C ASP C 75 12.35 17.94 7.08
N GLY C 76 11.03 18.02 7.29
CA GLY C 76 10.25 16.87 7.73
C GLY C 76 8.93 16.81 6.99
N ARG C 77 8.13 15.80 7.32
CA ARG C 77 6.85 15.62 6.67
C ARG C 77 5.98 14.67 7.48
N THR C 78 4.72 14.58 7.07
CA THR C 78 3.73 13.67 7.64
C THR C 78 3.43 12.57 6.63
N ILE C 79 2.58 11.61 7.04
CA ILE C 79 2.31 10.44 6.21
C ILE C 79 1.23 10.78 5.19
N LYS C 80 1.39 10.28 3.98
CA LYS C 80 0.41 10.49 2.94
C LYS C 80 -0.69 9.44 3.04
N LEU C 81 -1.92 9.86 2.79
CA LEU C 81 -3.08 8.96 2.85
C LEU C 81 -3.16 8.09 1.60
N ASP C 82 -2.13 7.26 1.44
CA ASP C 82 -1.92 6.33 0.34
C ASP C 82 -1.86 4.91 0.88
N PRO C 83 -2.47 3.93 0.20
CA PRO C 83 -2.45 2.55 0.70
C PRO C 83 -1.07 1.92 0.75
N THR C 84 -0.03 2.63 0.33
CA THR C 84 1.32 2.08 0.28
C THR C 84 2.27 2.67 1.30
N TYR C 85 1.80 3.56 2.19
CA TYR C 85 2.68 4.30 3.09
C TYR C 85 2.72 3.60 4.45
N LEU C 86 3.88 3.04 4.79
CA LEU C 86 4.07 2.44 6.11
C LEU C 86 4.37 3.49 7.16
N ALA C 87 5.00 4.59 6.75
CA ALA C 87 5.42 5.65 7.65
C ALA C 87 5.61 6.91 6.82
N PRO C 88 5.76 8.07 7.45
CA PRO C 88 6.09 9.28 6.68
C PRO C 88 7.37 9.09 5.90
N GLY C 89 7.28 9.25 4.58
CA GLY C 89 8.42 9.08 3.69
C GLY C 89 8.78 7.65 3.38
N GLU C 90 8.02 6.67 3.85
CA GLU C 90 8.31 5.26 3.66
C GLU C 90 7.21 4.63 2.81
N LYS C 91 7.59 4.04 1.68
CA LYS C 91 6.65 3.42 0.75
C LYS C 91 7.07 1.97 0.52
N LEU C 92 6.11 1.06 0.68
CA LEU C 92 6.39 -0.36 0.45
C LEU C 92 6.51 -0.64 -1.04
N VAL C 93 7.61 -1.27 -1.43
CA VAL C 93 7.80 -1.68 -2.81
C VAL C 93 7.85 -3.19 -2.97
N GLY C 94 8.16 -3.95 -1.92
CA GLY C 94 8.23 -5.39 -2.03
C GLY C 94 8.22 -6.03 -0.67
N TYR C 95 8.00 -7.34 -0.66
CA TYR C 95 7.98 -8.11 0.58
C TYR C 95 8.23 -9.56 0.25
N VAL C 96 8.48 -10.35 1.30
CA VAL C 96 8.57 -11.80 1.20
C VAL C 96 7.95 -12.38 2.47
N LEU C 97 6.97 -13.26 2.31
CA LEU C 97 6.21 -13.82 3.42
C LEU C 97 6.66 -15.26 3.63
N VAL C 98 7.45 -15.49 4.68
CA VAL C 98 8.09 -16.78 4.91
C VAL C 98 7.42 -17.46 6.09
N LYS C 99 7.54 -18.78 6.13
CA LYS C 99 6.92 -19.56 7.18
C LYS C 99 7.52 -20.96 7.23
N MET C 100 7.48 -21.56 8.41
CA MET C 100 7.79 -22.97 8.57
C MET C 100 6.57 -23.82 8.28
N ASN C 101 6.80 -25.12 8.05
CA ASN C 101 5.70 -26.03 7.71
C ASN C 101 4.90 -26.38 8.95
N ASP C 102 3.59 -26.15 8.88
CA ASP C 102 2.67 -26.48 9.96
C ASP C 102 1.98 -27.82 9.78
N ASP C 103 1.52 -28.13 8.56
CA ASP C 103 0.77 -29.33 8.22
C ASP C 103 1.40 -30.57 8.82
N PRO C 104 0.61 -31.46 9.45
CA PRO C 104 1.12 -32.69 10.06
C PRO C 104 1.72 -33.65 9.02
N ASN C 108 5.75 -34.44 9.96
CA ASN C 108 6.29 -35.74 10.33
C ASN C 108 7.64 -35.94 9.64
N GLU C 109 8.48 -34.91 9.68
CA GLU C 109 9.68 -34.81 8.88
C GLU C 109 10.61 -33.78 9.50
N PRO C 110 11.83 -33.59 8.97
CA PRO C 110 12.73 -32.56 9.54
C PRO C 110 12.18 -31.16 9.33
N PRO C 111 12.72 -30.17 10.04
CA PRO C 111 12.24 -28.79 9.85
C PRO C 111 12.50 -28.31 8.44
N ASN C 112 11.49 -27.63 7.87
CA ASN C 112 11.59 -27.10 6.52
C ASN C 112 10.77 -25.83 6.41
N GLY C 113 11.29 -24.86 5.67
CA GLY C 113 10.61 -23.60 5.45
C GLY C 113 9.81 -23.59 4.16
N HIS C 114 9.08 -22.50 3.96
CA HIS C 114 8.21 -22.37 2.79
C HIS C 114 7.98 -20.91 2.50
N ILE C 115 8.26 -20.49 1.27
CA ILE C 115 7.96 -19.13 0.82
C ILE C 115 6.48 -19.09 0.49
N THR C 116 5.68 -18.48 1.36
CA THR C 116 4.24 -18.42 1.12
C THR C 116 3.91 -17.44 -0.01
N SER C 117 4.61 -16.31 -0.06
CA SER C 117 4.30 -15.29 -1.05
C SER C 117 5.47 -14.33 -1.16
N LEU C 118 5.75 -13.89 -2.39
CA LEU C 118 6.78 -12.89 -2.66
C LEU C 118 6.24 -11.94 -3.72
N SER C 119 6.41 -10.64 -3.50
CA SER C 119 5.98 -9.64 -4.46
C SER C 119 6.98 -8.50 -4.49
N VAL C 120 7.36 -8.07 -5.69
CA VAL C 120 8.21 -6.90 -5.90
C VAL C 120 7.58 -6.07 -7.01
N MET C 121 7.62 -4.75 -6.86
CA MET C 121 6.98 -3.86 -7.80
C MET C 121 7.61 -3.97 -9.19
N ARG C 122 6.82 -3.61 -10.20
CA ARG C 122 7.30 -3.66 -11.59
C ARG C 122 8.38 -2.63 -11.84
N THR C 123 8.19 -1.40 -11.34
CA THR C 123 9.15 -0.33 -11.57
C THR C 123 10.41 -0.46 -10.73
N TYR C 124 10.49 -1.44 -9.83
CA TYR C 124 11.67 -1.65 -9.01
C TYR C 124 12.40 -2.94 -9.39
N ARG C 125 12.25 -3.35 -10.65
CA ARG C 125 13.05 -4.41 -11.24
C ARG C 125 14.51 -3.95 -11.40
N ARG C 126 15.40 -4.91 -11.68
CA ARG C 126 16.79 -4.59 -12.02
C ARG C 126 17.50 -3.83 -10.90
N MET C 127 17.17 -4.19 -9.65
CA MET C 127 17.85 -3.64 -8.49
C MET C 127 18.20 -4.70 -7.45
N GLY C 128 17.89 -5.97 -7.70
CA GLY C 128 18.19 -7.03 -6.76
C GLY C 128 17.29 -7.09 -5.55
N ILE C 129 16.16 -6.37 -5.56
CA ILE C 129 15.25 -6.38 -4.42
C ILE C 129 14.74 -7.78 -4.15
N ALA C 130 14.26 -8.46 -5.19
CA ALA C 130 13.80 -9.84 -5.06
C ALA C 130 14.89 -10.73 -4.50
N GLU C 131 16.10 -10.61 -5.06
CA GLU C 131 17.22 -11.43 -4.60
C GLU C 131 17.60 -11.10 -3.17
N ASN C 132 17.66 -9.81 -2.83
CA ASN C 132 18.06 -9.41 -1.48
C ASN C 132 17.05 -9.87 -0.44
N LEU C 133 15.75 -9.77 -0.76
CA LEU C 133 14.72 -10.19 0.19
C LEU C 133 14.77 -11.70 0.42
N MET C 134 15.02 -12.47 -0.65
CA MET C 134 15.03 -13.93 -0.52
C MET C 134 16.24 -14.40 0.30
N ARG C 135 17.40 -13.77 0.10
CA ARG C 135 18.59 -14.21 0.82
C ARG C 135 18.44 -14.03 2.32
N GLN C 136 17.92 -12.87 2.75
CA GLN C 136 17.62 -12.67 4.16
C GLN C 136 16.63 -13.71 4.66
N ALA C 137 15.59 -14.00 3.87
CA ALA C 137 14.61 -14.99 4.28
C ALA C 137 15.22 -16.37 4.42
N LEU C 138 16.06 -16.76 3.46
CA LEU C 138 16.68 -18.09 3.52
C LEU C 138 17.64 -18.18 4.70
N PHE C 139 18.42 -17.13 4.94
CA PHE C 139 19.35 -17.13 6.08
C PHE C 139 18.59 -17.17 7.39
N ALA C 140 17.55 -16.32 7.52
CA ALA C 140 16.76 -16.31 8.75
C ALA C 140 16.03 -17.63 8.96
N LEU C 141 15.64 -18.30 7.88
CA LEU C 141 14.98 -19.60 8.02
C LEU C 141 15.89 -20.65 8.61
N ARG C 142 17.18 -20.60 8.28
CA ARG C 142 18.12 -21.60 8.79
C ARG C 142 18.63 -21.23 10.18
N GLU C 143 18.91 -19.96 10.42
CA GLU C 143 19.49 -19.56 11.69
C GLU C 143 18.44 -19.59 12.81
N VAL C 144 17.27 -19.01 12.55
CA VAL C 144 16.27 -18.88 13.61
C VAL C 144 15.56 -20.21 13.86
N HIS C 145 15.11 -20.87 12.79
CA HIS C 145 14.28 -22.06 12.90
C HIS C 145 15.00 -23.36 12.59
N GLN C 146 16.28 -23.29 12.20
CA GLN C 146 17.07 -24.49 11.86
C GLN C 146 16.34 -25.37 10.84
N ALA C 147 16.06 -24.76 9.69
CA ALA C 147 15.36 -25.44 8.61
C ALA C 147 16.35 -26.16 7.71
N GLU C 148 16.06 -27.43 7.40
CA GLU C 148 16.92 -28.20 6.51
C GLU C 148 16.81 -27.68 5.09
N TYR C 149 15.60 -27.36 4.64
CA TYR C 149 15.38 -26.88 3.29
C TYR C 149 14.14 -25.97 3.28
N VAL C 150 13.94 -25.31 2.14
CA VAL C 150 12.80 -24.42 1.95
C VAL C 150 12.20 -24.71 0.58
N SER C 151 10.87 -24.85 0.52
CA SER C 151 10.17 -25.21 -0.70
C SER C 151 9.25 -24.08 -1.14
N LEU C 152 8.94 -24.08 -2.43
CA LEU C 152 8.05 -23.08 -3.01
C LEU C 152 7.51 -23.63 -4.33
N HIS C 153 6.66 -22.84 -4.97
CA HIS C 153 6.07 -23.20 -6.25
C HIS C 153 6.09 -22.00 -7.17
N VAL C 154 6.40 -22.25 -8.45
CA VAL C 154 6.53 -21.20 -9.45
C VAL C 154 5.62 -21.55 -10.62
N ARG C 155 4.97 -20.53 -11.18
CA ARG C 155 4.22 -20.73 -12.41
C ARG C 155 5.18 -20.98 -13.56
N GLN C 156 4.92 -22.04 -14.33
CA GLN C 156 5.79 -22.40 -15.45
C GLN C 156 5.88 -21.25 -16.46
N SER C 157 4.78 -20.55 -16.71
CA SER C 157 4.80 -19.44 -17.64
C SER C 157 5.77 -18.35 -17.20
N ASN C 158 5.88 -18.10 -15.90
CA ASN C 158 6.77 -17.03 -15.44
C ASN C 158 8.23 -17.45 -15.57
N ARG C 159 8.87 -17.06 -16.67
CA ARG C 159 10.28 -17.35 -16.87
C ARG C 159 11.19 -16.49 -16.01
N ALA C 160 10.75 -15.26 -15.67
CA ALA C 160 11.55 -14.41 -14.81
C ALA C 160 11.63 -14.96 -13.39
N ALA C 161 10.62 -15.71 -12.97
CA ALA C 161 10.66 -16.32 -11.65
C ALA C 161 11.58 -17.52 -11.62
N LEU C 162 11.61 -18.32 -12.69
CA LEU C 162 12.49 -19.48 -12.73
C LEU C 162 13.95 -19.06 -12.70
N HIS C 163 14.29 -17.96 -13.38
CA HIS C 163 15.66 -17.48 -13.34
C HIS C 163 16.04 -16.96 -11.96
N LEU C 164 15.08 -16.43 -11.21
CA LEU C 164 15.38 -15.93 -9.88
C LEU C 164 15.69 -17.07 -8.92
N TYR C 165 14.72 -17.95 -8.70
CA TYR C 165 14.87 -18.99 -7.69
C TYR C 165 15.95 -20.00 -8.10
N ARG C 166 15.87 -20.54 -9.30
CA ARG C 166 16.81 -21.59 -9.68
C ARG C 166 18.21 -21.04 -9.99
N ASP C 167 18.29 -20.07 -10.91
CA ASP C 167 19.58 -19.73 -11.49
C ASP C 167 20.43 -18.84 -10.57
N THR C 168 19.81 -17.88 -9.88
CA THR C 168 20.57 -17.02 -8.98
C THR C 168 20.48 -17.44 -7.52
N LEU C 169 19.35 -17.98 -7.08
CA LEU C 169 19.20 -18.42 -5.70
C LEU C 169 19.61 -19.87 -5.50
N ALA C 170 20.18 -20.50 -6.52
CA ALA C 170 20.68 -21.88 -6.44
C ALA C 170 19.60 -22.88 -6.02
N PHE C 171 18.33 -22.56 -6.26
CA PHE C 171 17.27 -23.53 -6.06
C PHE C 171 17.36 -24.62 -7.12
N GLU C 172 16.72 -25.75 -6.83
CA GLU C 172 16.67 -26.86 -7.78
C GLU C 172 15.23 -27.22 -8.08
N VAL C 173 14.95 -27.52 -9.34
CA VAL C 173 13.62 -27.95 -9.75
C VAL C 173 13.46 -29.43 -9.44
N LEU C 174 12.29 -29.79 -8.92
CA LEU C 174 12.04 -31.20 -8.58
C LEU C 174 10.95 -31.77 -9.48
N SER C 175 9.69 -31.59 -9.09
CA SER C 175 8.58 -32.13 -9.85
C SER C 175 8.03 -31.07 -10.81
N ILE C 176 6.95 -31.42 -11.50
CA ILE C 176 6.30 -30.50 -12.42
C ILE C 176 4.92 -30.08 -11.93
N GLU C 177 4.21 -30.94 -11.20
CA GLU C 177 2.94 -30.59 -10.56
C GLU C 177 1.96 -29.98 -11.57
N LYS C 178 1.58 -30.80 -12.54
CA LYS C 178 0.68 -30.35 -13.59
C LYS C 178 -0.65 -29.88 -13.00
N SER C 179 -1.06 -28.68 -13.38
CA SER C 179 -2.30 -28.06 -12.91
C SER C 179 -2.34 -27.99 -11.38
N TYR C 180 -1.47 -27.13 -10.86
CA TYR C 180 -1.34 -26.91 -9.42
C TYR C 180 -2.13 -25.70 -8.94
N TYR C 181 -2.14 -24.61 -9.69
CA TYR C 181 -2.90 -23.43 -9.32
C TYR C 181 -4.36 -23.59 -9.75
N GLN C 182 -5.22 -22.76 -9.15
CA GLN C 182 -6.65 -22.88 -9.40
C GLN C 182 -7.03 -22.50 -10.83
N ASP C 183 -6.21 -21.70 -11.52
CA ASP C 183 -6.50 -21.34 -12.89
C ASP C 183 -6.21 -22.47 -13.88
N GLY C 184 -5.42 -23.47 -13.47
CA GLY C 184 -5.10 -24.60 -14.32
C GLY C 184 -3.65 -24.67 -14.75
N GLU C 185 -2.81 -23.75 -14.31
CA GLU C 185 -1.42 -23.71 -14.74
C GLU C 185 -0.59 -24.72 -13.98
N ASP C 186 0.50 -25.18 -14.60
CA ASP C 186 1.39 -26.18 -14.02
C ASP C 186 2.48 -25.50 -13.21
N ALA C 187 2.65 -25.93 -11.96
CA ALA C 187 3.62 -25.28 -11.07
C ALA C 187 5.03 -25.76 -11.37
N TYR C 188 5.97 -25.41 -10.49
CA TYR C 188 7.38 -25.80 -10.55
C TYR C 188 7.82 -26.05 -9.11
N ALA C 189 7.54 -27.25 -8.60
CA ALA C 189 7.91 -27.58 -7.23
C ALA C 189 9.43 -27.57 -7.07
N MET C 190 9.95 -26.60 -6.32
CA MET C 190 11.38 -26.42 -6.15
C MET C 190 11.74 -26.44 -4.67
N LYS C 191 12.97 -26.90 -4.38
CA LYS C 191 13.44 -27.02 -3.02
C LYS C 191 14.94 -26.75 -2.98
N LYS C 192 15.41 -26.24 -1.85
CA LYS C 192 16.81 -25.88 -1.68
C LYS C 192 17.24 -26.21 -0.25
N VAL C 193 18.26 -27.06 -0.12
CA VAL C 193 18.80 -27.35 1.21
C VAL C 193 19.51 -26.13 1.76
N LEU C 194 19.40 -25.93 3.06
CA LEU C 194 19.90 -24.72 3.73
C LEU C 194 21.08 -25.07 4.61
N LYS C 195 22.23 -24.45 4.34
CA LYS C 195 23.41 -24.57 5.19
C LYS C 195 23.86 -23.16 5.54
N LEU C 196 24.00 -22.89 6.85
CA LEU C 196 24.25 -21.53 7.31
C LEU C 196 25.52 -20.96 6.67
N GLU C 197 26.54 -21.80 6.45
CA GLU C 197 27.79 -21.31 5.89
C GLU C 197 27.60 -20.76 4.49
N GLU C 198 26.82 -21.44 3.66
CA GLU C 198 26.61 -20.98 2.29
C GLU C 198 25.60 -19.85 2.20
N LEU C 199 24.63 -19.81 3.13
CA LEU C 199 23.61 -18.77 3.10
C LEU C 199 24.08 -17.45 3.67
N GLN C 200 25.29 -17.39 4.24
CA GLN C 200 25.80 -16.15 4.82
C GLN C 200 25.69 -15.01 3.83
N ILE C 201 25.13 -13.89 4.30
CA ILE C 201 24.89 -12.76 3.41
C ILE C 201 26.21 -12.17 2.91
N SER C 202 27.26 -12.22 3.73
CA SER C 202 28.56 -11.69 3.37
C SER C 202 29.19 -12.43 2.19
N ASN C 203 28.52 -13.48 1.70
CA ASN C 203 29.04 -14.27 0.60
C ASN C 203 28.73 -13.69 -0.78
N PHE C 204 27.76 -12.78 -0.88
CA PHE C 204 27.30 -12.27 -2.17
C PHE C 204 27.28 -10.75 -2.17
N THR C 205 28.36 -10.16 -1.69
CA THR C 205 28.45 -8.69 -1.67
C THR C 205 29.25 -8.23 -2.88
N HIS C 206 29.98 -9.12 -3.54
CA HIS C 206 30.80 -8.71 -4.72
C HIS C 206 30.36 -9.48 -5.96
N ARG C 207 30.68 -8.97 -7.15
CA ARG C 207 30.28 -9.58 -8.44
C ARG C 207 31.49 -10.06 -9.27
N ARG C 208 32.33 -9.12 -9.74
CA ARG C 208 33.50 -9.43 -10.61
C ARG C 208 34.67 -10.04 -9.82
N LEU C 209 34.44 -11.18 -9.19
CA LEU C 209 35.52 -11.81 -8.40
C LEU C 209 36.20 -10.75 -7.52
N ASN C 212 41.64 -13.96 -8.39
CA ASN C 212 41.35 -12.80 -9.23
C ASN C 212 41.50 -11.50 -8.44
N GLU C 213 40.41 -10.76 -8.35
CA GLU C 213 40.38 -9.51 -7.61
C GLU C 213 40.47 -9.76 -6.11
N GLU C 214 40.77 -8.71 -5.36
CA GLU C 214 40.82 -8.79 -3.91
C GLU C 214 39.42 -8.71 -3.34
N LYS C 215 39.05 -9.70 -2.51
CA LYS C 215 37.71 -9.77 -1.92
C LYS C 215 37.75 -9.10 -0.55
N LEU C 216 37.77 -7.77 -0.57
CA LEU C 216 37.87 -7.01 0.67
C LEU C 216 36.54 -7.01 1.42
N GLU C 217 36.60 -7.38 2.70
CA GLU C 217 35.40 -7.45 3.52
C GLU C 217 35.76 -7.05 4.95
N ASP C 218 34.73 -6.76 5.73
CA ASP C 218 34.94 -6.37 7.13
C ASP C 218 35.32 -7.58 7.96
N ASP C 219 36.14 -7.33 8.99
CA ASP C 219 36.61 -8.37 9.89
C ASP C 219 36.20 -8.12 11.34
N LEU C 220 35.52 -7.01 11.62
CA LEU C 220 34.98 -6.70 12.94
C LEU C 220 36.07 -6.59 14.00
N GLU C 221 37.24 -6.10 13.62
CA GLU C 221 38.33 -5.93 14.57
C GLU C 221 39.04 -4.58 14.42
N SER C 222 39.56 -4.29 13.22
CA SER C 222 40.29 -3.05 13.02
C SER C 222 39.35 -1.85 13.04
N ASP C 223 39.93 -0.68 13.29
CA ASP C 223 39.18 0.55 13.29
C ASP C 223 38.86 0.99 11.86
N LEU C 224 37.71 1.65 11.71
CA LEU C 224 37.32 2.20 10.42
C LEU C 224 37.75 3.66 10.26
N LEU C 225 38.35 4.25 11.29
CA LEU C 225 38.81 5.63 11.22
C LEU C 225 40.31 5.71 11.50
#